data_9PWJ
#
_entry.id   9PWJ
#
_cell.length_a   128.544
_cell.length_b   128.544
_cell.length_c   139.751
_cell.angle_alpha   90.000
_cell.angle_beta   90.000
_cell.angle_gamma   90.000
#
_symmetry.space_group_name_H-M   'P 4 21 2'
#
loop_
_entity.id
_entity.type
_entity.pdbx_description
1 polymer 'Protein fem-1 homolog B'
2 non-polymer '3-(2-oxopyrrolidin-1-yl)benzoic acid'
3 non-polymer 'SULFATE ION'
4 water water
#
_entity_poly.entity_id   1
_entity_poly.type   'polypeptide(L)'
_entity_poly.pdbx_seq_one_letter_code
;GHMEGLAGYVYKAASEGKVLTLAALLLNRSESDIRYLLGYVSQQGGQRSTPLIIAARNGHAKVVRLLLEHYRVQTQQTGT
VRFDGYVIDGATALWCAAGAGHFEVVKLLVSHGANVNHTTVTNSTPLRAACFDGRLDIVKYLVENNANISIANKYDNTCL
MIAAYKGHTDVVRYLLEQRADPNAKAHCGATALHFAAEAGHIDIVKELIKWRAAIVVNGHGMTPLKVAAESCKADVVELL
LSHADCDRRSRIEALELLGASFANDRENYDIIKTYHYLYLAMLERFQDGDNILEKEVLPPIHAYGNRTECRNPQELESIR
QDRDALHMEGLIVRERILGGGGSGGGSKKRLLLGLDR
;
_entity_poly.pdbx_strand_id   A,B
#
loop_
_chem_comp.id
_chem_comp.type
_chem_comp.name
_chem_comp.formula
A1CL1 non-polymer '3-(2-oxopyrrolidin-1-yl)benzoic acid' 'C11 H11 N O3'
SO4 non-polymer 'SULFATE ION' 'O4 S -2'
#
# COMPACT_ATOMS: atom_id res chain seq x y z
N MET A 3 -38.18 -38.54 1.92
CA MET A 3 -37.96 -37.28 2.62
C MET A 3 -38.70 -36.15 1.92
N GLU A 4 -38.35 -34.91 2.25
CA GLU A 4 -39.00 -33.77 1.63
C GLU A 4 -38.00 -32.91 0.87
N GLY A 5 -37.38 -33.47 -0.16
CA GLY A 5 -36.57 -32.71 -1.08
C GLY A 5 -37.47 -31.84 -1.95
N LEU A 6 -38.77 -31.95 -1.72
CA LEU A 6 -39.71 -31.01 -2.31
C LEU A 6 -39.49 -29.61 -1.76
N ALA A 7 -39.10 -29.50 -0.48
CA ALA A 7 -38.61 -28.23 0.05
C ALA A 7 -37.35 -27.77 -0.69
N GLY A 8 -36.64 -28.70 -1.33
CA GLY A 8 -35.48 -28.35 -2.13
C GLY A 8 -35.86 -27.77 -3.47
N TYR A 9 -36.90 -28.32 -4.11
CA TYR A 9 -37.39 -27.73 -5.35
C TYR A 9 -38.04 -26.37 -5.09
N VAL A 10 -38.82 -26.27 -4.02
CA VAL A 10 -39.42 -25.00 -3.63
C VAL A 10 -38.34 -23.95 -3.39
N TYR A 11 -37.20 -24.37 -2.83
CA TYR A 11 -36.10 -23.45 -2.59
C TYR A 11 -35.52 -22.93 -3.89
N LYS A 12 -35.22 -23.83 -4.82
CA LYS A 12 -34.61 -23.43 -6.09
C LYS A 12 -35.47 -22.41 -6.82
N ALA A 13 -36.80 -22.51 -6.71
CA ALA A 13 -37.68 -21.52 -7.31
C ALA A 13 -37.46 -20.14 -6.71
N ALA A 14 -37.44 -20.07 -5.38
CA ALA A 14 -37.27 -18.78 -4.71
C ALA A 14 -35.91 -18.17 -5.00
N SER A 15 -34.86 -18.99 -5.02
CA SER A 15 -33.52 -18.48 -5.29
C SER A 15 -33.39 -17.95 -6.70
N GLU A 16 -34.03 -18.61 -7.67
CA GLU A 16 -33.94 -18.25 -9.07
C GLU A 16 -35.01 -17.25 -9.51
N GLY A 17 -35.92 -16.87 -8.61
CA GLY A 17 -36.96 -15.92 -8.95
C GLY A 17 -38.04 -16.46 -9.87
N LYS A 18 -37.99 -17.74 -10.24
CA LYS A 18 -39.01 -18.35 -11.10
C LYS A 18 -40.31 -18.44 -10.31
N VAL A 19 -41.04 -17.31 -10.28
CA VAL A 19 -42.25 -17.24 -9.48
C VAL A 19 -43.33 -18.16 -10.03
N LEU A 20 -43.32 -18.44 -11.34
CA LEU A 20 -44.30 -19.34 -11.91
C LEU A 20 -44.09 -20.77 -11.42
N THR A 21 -42.84 -21.25 -11.47
CA THR A 21 -42.53 -22.55 -10.89
C THR A 21 -42.93 -22.61 -9.44
N LEU A 22 -42.67 -21.52 -8.70
CA LEU A 22 -42.94 -21.51 -7.27
C LEU A 22 -44.43 -21.54 -6.96
N ALA A 23 -45.19 -20.65 -7.58
CA ALA A 23 -46.65 -20.65 -7.39
C ALA A 23 -47.25 -22.01 -7.73
N ALA A 24 -46.64 -22.72 -8.68
CA ALA A 24 -47.12 -24.06 -9.03
C ALA A 24 -46.85 -25.04 -7.90
N LEU A 25 -45.59 -25.07 -7.40
CA LEU A 25 -45.22 -26.03 -6.37
C LEU A 25 -46.10 -25.89 -5.13
N LEU A 26 -46.44 -24.66 -4.77
CA LEU A 26 -47.06 -24.39 -3.49
C LEU A 26 -48.58 -24.51 -3.50
N LEU A 27 -49.21 -24.35 -4.66
CA LEU A 27 -50.66 -24.49 -4.73
C LEU A 27 -51.06 -25.94 -4.45
N ASN A 28 -52.25 -26.11 -3.86
CA ASN A 28 -52.76 -27.43 -3.45
C ASN A 28 -51.87 -28.06 -2.38
N ARG A 29 -51.47 -27.26 -1.39
CA ARG A 29 -50.70 -27.73 -0.26
C ARG A 29 -51.49 -27.53 1.02
N SER A 30 -51.53 -28.56 1.87
CA SER A 30 -52.20 -28.44 3.15
C SER A 30 -51.47 -27.41 4.02
N GLU A 31 -52.23 -26.81 4.94
CA GLU A 31 -51.69 -25.72 5.76
C GLU A 31 -50.44 -26.15 6.50
N SER A 32 -50.41 -27.39 7.00
CA SER A 32 -49.20 -27.89 7.64
C SER A 32 -48.06 -28.04 6.64
N ASP A 33 -48.37 -28.32 5.37
CA ASP A 33 -47.33 -28.51 4.37
C ASP A 33 -46.68 -27.19 3.96
N ILE A 34 -47.42 -26.08 4.00
CA ILE A 34 -46.81 -24.82 3.59
C ILE A 34 -45.98 -24.22 4.72
N ARG A 35 -46.33 -24.47 5.99
CA ARG A 35 -45.49 -23.95 7.06
C ARG A 35 -44.19 -24.72 7.18
N TYR A 36 -44.12 -25.93 6.61
CA TYR A 36 -42.87 -26.68 6.55
C TYR A 36 -42.00 -26.20 5.39
N LEU A 37 -42.58 -26.15 4.18
CA LEU A 37 -41.79 -25.91 2.97
C LEU A 37 -41.12 -24.54 3.01
N LEU A 38 -41.83 -23.53 3.52
CA LEU A 38 -41.30 -22.17 3.51
C LEU A 38 -40.40 -21.90 4.70
N GLY A 39 -40.68 -22.53 5.84
CA GLY A 39 -39.83 -22.44 7.00
C GLY A 39 -38.62 -23.36 6.97
N TYR A 40 -38.36 -23.98 5.82
CA TYR A 40 -37.24 -24.91 5.71
C TYR A 40 -35.97 -24.13 5.42
N VAL A 41 -34.86 -24.56 6.02
CA VAL A 41 -33.57 -23.90 5.89
C VAL A 41 -32.71 -24.74 4.95
N SER A 42 -32.68 -24.37 3.68
CA SER A 42 -31.78 -25.00 2.73
C SER A 42 -30.37 -24.44 2.91
N GLN A 43 -29.38 -25.24 2.51
CA GLN A 43 -27.97 -24.85 2.60
C GLN A 43 -27.37 -24.90 1.20
N GLN A 44 -27.28 -23.74 0.56
CA GLN A 44 -26.83 -23.62 -0.84
C GLN A 44 -25.59 -22.73 -0.90
N GLY A 45 -24.44 -23.34 -1.17
CA GLY A 45 -23.21 -22.61 -1.43
C GLY A 45 -22.76 -21.68 -0.31
N GLY A 46 -22.19 -22.23 0.75
CA GLY A 46 -21.74 -21.43 1.88
C GLY A 46 -22.81 -20.57 2.50
N GLN A 47 -24.08 -20.91 2.28
CA GLN A 47 -25.20 -20.13 2.77
C GLN A 47 -26.25 -21.05 3.36
N ARG A 48 -27.06 -20.51 4.27
CA ARG A 48 -28.21 -21.22 4.82
C ARG A 48 -29.37 -20.24 4.87
N SER A 49 -30.51 -20.63 4.29
CA SER A 49 -31.59 -19.68 4.13
C SER A 49 -32.91 -20.40 3.91
N THR A 50 -33.99 -19.69 4.17
CA THR A 50 -35.33 -20.09 3.77
C THR A 50 -35.61 -19.58 2.37
N PRO A 51 -36.69 -20.05 1.73
CA PRO A 51 -37.06 -19.47 0.42
C PRO A 51 -37.20 -17.97 0.44
N LEU A 52 -37.86 -17.40 1.46
CA LEU A 52 -38.00 -15.95 1.52
C LEU A 52 -36.66 -15.27 1.72
N ILE A 53 -35.73 -15.92 2.42
CA ILE A 53 -34.44 -15.29 2.70
C ILE A 53 -33.63 -15.17 1.42
N ILE A 54 -33.59 -16.24 0.61
CA ILE A 54 -32.79 -16.19 -0.60
C ILE A 54 -33.46 -15.32 -1.66
N ALA A 55 -34.79 -15.21 -1.62
CA ALA A 55 -35.49 -14.40 -2.61
C ALA A 55 -35.24 -12.92 -2.40
N ALA A 56 -35.48 -12.44 -1.18
CA ALA A 56 -35.19 -11.05 -0.85
C ALA A 56 -33.70 -10.77 -0.93
N ARG A 57 -32.87 -11.78 -0.68
CA ARG A 57 -31.43 -11.63 -0.87
C ARG A 57 -31.10 -11.42 -2.35
N ASN A 58 -31.90 -11.96 -3.26
CA ASN A 58 -31.60 -11.93 -4.69
C ASN A 58 -32.44 -10.93 -5.47
N GLY A 59 -33.26 -10.13 -4.80
CA GLY A 59 -34.06 -9.13 -5.48
C GLY A 59 -35.22 -9.66 -6.28
N HIS A 60 -35.59 -10.93 -6.10
CA HIS A 60 -36.70 -11.52 -6.83
C HIS A 60 -38.01 -11.09 -6.16
N ALA A 61 -38.41 -9.85 -6.46
CA ALA A 61 -39.60 -9.28 -5.84
C ALA A 61 -40.88 -10.00 -6.28
N LYS A 62 -40.89 -10.55 -7.50
CA LYS A 62 -42.03 -11.35 -7.92
C LYS A 62 -42.25 -12.53 -6.97
N VAL A 63 -41.17 -13.11 -6.47
CA VAL A 63 -41.25 -14.19 -5.50
C VAL A 63 -41.58 -13.64 -4.11
N VAL A 64 -40.93 -12.55 -3.73
CA VAL A 64 -41.17 -11.95 -2.40
C VAL A 64 -42.64 -11.57 -2.26
N ARG A 65 -43.21 -10.96 -3.30
CA ARG A 65 -44.61 -10.54 -3.25
C ARG A 65 -45.54 -11.74 -3.15
N LEU A 66 -45.26 -12.81 -3.90
CA LEU A 66 -46.05 -14.03 -3.78
C LEU A 66 -45.90 -14.64 -2.40
N LEU A 67 -44.65 -14.77 -1.93
CA LEU A 67 -44.41 -15.30 -0.60
C LEU A 67 -45.01 -14.43 0.50
N LEU A 68 -45.30 -13.16 0.23
CA LEU A 68 -45.86 -12.28 1.26
C LEU A 68 -47.37 -12.12 1.12
N GLU A 69 -47.84 -11.67 -0.04
CA GLU A 69 -49.24 -11.29 -0.17
C GLU A 69 -50.18 -12.48 -0.02
N HIS A 70 -49.85 -13.60 -0.65
CA HIS A 70 -50.76 -14.73 -0.71
C HIS A 70 -50.46 -15.82 0.31
N TYR A 71 -49.20 -15.97 0.71
CA TYR A 71 -48.79 -16.96 1.71
C TYR A 71 -48.17 -16.22 2.90
N ARG A 72 -49.03 -15.81 3.84
CA ARG A 72 -48.58 -15.20 5.08
C ARG A 72 -47.32 -15.87 5.63
N VAL A 73 -46.16 -15.28 5.37
CA VAL A 73 -44.89 -15.82 5.86
C VAL A 73 -44.31 -14.85 6.87
N GLN A 74 -43.65 -15.39 7.89
CA GLN A 74 -42.99 -14.54 8.88
C GLN A 74 -41.81 -13.83 8.24
N THR A 75 -41.74 -12.51 8.43
CA THR A 75 -40.57 -11.77 8.00
C THR A 75 -39.33 -12.15 8.81
N GLN A 76 -39.52 -12.49 10.09
CA GLN A 76 -38.45 -12.67 11.06
C GLN A 76 -37.58 -13.89 10.78
N GLN A 77 -37.86 -14.66 9.74
CA GLN A 77 -37.03 -15.81 9.39
C GLN A 77 -35.57 -15.40 9.27
N THR A 78 -34.73 -15.80 10.23
CA THR A 78 -33.32 -15.48 10.14
C THR A 78 -32.59 -16.55 9.34
N GLY A 79 -31.37 -16.23 8.94
CA GLY A 79 -30.57 -17.14 8.14
C GLY A 79 -29.13 -16.67 8.08
N THR A 80 -28.31 -17.48 7.41
CA THR A 80 -26.88 -17.25 7.31
C THR A 80 -26.52 -16.96 5.86
N VAL A 81 -26.38 -15.68 5.54
CA VAL A 81 -26.15 -15.25 4.17
C VAL A 81 -24.69 -14.88 3.99
N ARG A 82 -24.28 -14.65 2.75
CA ARG A 82 -22.88 -14.46 2.41
C ARG A 82 -22.72 -13.37 1.36
N PHE A 83 -21.72 -12.52 1.56
CA PHE A 83 -21.45 -11.37 0.68
C PHE A 83 -19.95 -11.26 0.47
N ASP A 84 -19.48 -11.67 -0.70
CA ASP A 84 -18.06 -11.59 -1.08
C ASP A 84 -17.15 -12.10 0.03
N GLY A 85 -17.40 -13.34 0.44
CA GLY A 85 -16.57 -13.95 1.46
C GLY A 85 -17.03 -13.68 2.88
N TYR A 86 -17.63 -12.51 3.09
CA TYR A 86 -18.15 -12.18 4.41
C TYR A 86 -19.42 -12.97 4.68
N VAL A 87 -19.39 -13.80 5.72
CA VAL A 87 -20.51 -14.67 6.07
C VAL A 87 -21.22 -14.03 7.26
N ILE A 88 -22.42 -13.50 7.02
CA ILE A 88 -23.24 -12.88 8.05
C ILE A 88 -24.28 -13.90 8.51
N ASP A 89 -24.41 -14.07 9.81
CA ASP A 89 -25.35 -15.00 10.41
C ASP A 89 -26.44 -14.24 11.16
N GLY A 90 -27.65 -14.80 11.15
CA GLY A 90 -28.77 -14.13 11.77
C GLY A 90 -29.36 -13.01 10.95
N ALA A 91 -29.31 -13.12 9.62
CA ALA A 91 -29.79 -12.08 8.73
C ALA A 91 -31.20 -12.41 8.28
N THR A 92 -32.13 -11.48 8.52
CA THR A 92 -33.47 -11.62 7.97
C THR A 92 -33.50 -11.14 6.52
N ALA A 93 -34.63 -11.39 5.86
CA ALA A 93 -34.78 -11.03 4.46
C ALA A 93 -34.59 -9.53 4.24
N LEU A 94 -35.10 -8.71 5.18
CA LEU A 94 -34.93 -7.27 5.08
C LEU A 94 -33.46 -6.89 5.10
N TRP A 95 -32.69 -7.49 6.00
CA TRP A 95 -31.24 -7.26 6.02
C TRP A 95 -30.60 -7.63 4.68
N CYS A 96 -31.03 -8.75 4.11
CA CYS A 96 -30.44 -9.21 2.85
C CYS A 96 -30.79 -8.27 1.71
N ALA A 97 -32.00 -7.72 1.73
CA ALA A 97 -32.39 -6.77 0.68
C ALA A 97 -31.63 -5.46 0.82
N ALA A 98 -31.53 -4.94 2.04
CA ALA A 98 -30.76 -3.71 2.26
C ALA A 98 -29.28 -3.91 1.94
N GLY A 99 -28.76 -5.12 2.17
CA GLY A 99 -27.37 -5.37 1.83
C GLY A 99 -27.15 -5.41 0.34
N ALA A 100 -28.00 -6.14 -0.39
CA ALA A 100 -27.85 -6.30 -1.84
C ALA A 100 -28.44 -5.14 -2.63
N GLY A 101 -28.84 -4.06 -1.97
CA GLY A 101 -29.30 -2.88 -2.67
C GLY A 101 -30.61 -3.03 -3.42
N HIS A 102 -31.47 -3.93 -2.96
CA HIS A 102 -32.72 -4.24 -3.68
C HIS A 102 -33.85 -3.42 -3.09
N PHE A 103 -33.87 -2.13 -3.49
CA PHE A 103 -34.81 -1.17 -2.94
C PHE A 103 -36.27 -1.56 -3.20
N GLU A 104 -36.54 -2.25 -4.32
CA GLU A 104 -37.87 -2.78 -4.55
C GLU A 104 -38.25 -3.78 -3.46
N VAL A 105 -37.39 -4.76 -3.21
CA VAL A 105 -37.70 -5.78 -2.20
C VAL A 105 -37.71 -5.18 -0.81
N VAL A 106 -36.85 -4.18 -0.56
CA VAL A 106 -36.87 -3.49 0.73
C VAL A 106 -38.25 -2.92 1.01
N LYS A 107 -38.80 -2.17 0.04
CA LYS A 107 -40.12 -1.58 0.22
C LYS A 107 -41.17 -2.65 0.50
N LEU A 108 -41.13 -3.75 -0.27
CA LEU A 108 -42.08 -4.84 -0.07
C LEU A 108 -42.02 -5.36 1.36
N LEU A 109 -40.82 -5.68 1.84
CA LEU A 109 -40.66 -6.25 3.18
C LEU A 109 -41.10 -5.26 4.24
N VAL A 110 -40.68 -4.00 4.12
CA VAL A 110 -41.05 -2.99 5.11
C VAL A 110 -42.55 -2.69 5.03
N SER A 111 -43.07 -2.47 3.83
CA SER A 111 -44.50 -2.21 3.66
C SER A 111 -45.35 -3.32 4.26
N HIS A 112 -44.83 -4.54 4.28
CA HIS A 112 -45.52 -5.67 4.89
C HIS A 112 -45.06 -5.91 6.33
N GLY A 113 -44.45 -4.92 6.95
CA GLY A 113 -44.26 -4.92 8.39
C GLY A 113 -43.04 -5.64 8.93
N ALA A 114 -41.97 -5.73 8.15
CA ALA A 114 -40.77 -6.40 8.64
C ALA A 114 -40.04 -5.54 9.65
N ASN A 115 -39.36 -6.19 10.59
CA ASN A 115 -38.65 -5.46 11.64
C ASN A 115 -37.51 -4.66 11.02
N VAL A 116 -37.67 -3.34 10.98
CA VAL A 116 -36.65 -2.46 10.39
C VAL A 116 -35.45 -2.27 11.32
N ASN A 117 -35.47 -2.86 12.53
CA ASN A 117 -34.39 -2.71 13.49
C ASN A 117 -33.83 -4.06 13.93
N HIS A 118 -33.97 -5.08 13.09
CA HIS A 118 -33.47 -6.40 13.43
C HIS A 118 -31.98 -6.35 13.74
N THR A 119 -31.56 -7.20 14.66
CA THR A 119 -30.16 -7.28 15.06
C THR A 119 -29.58 -8.60 14.56
N THR A 120 -28.61 -8.50 13.66
CA THR A 120 -27.80 -9.65 13.26
C THR A 120 -27.15 -10.26 14.49
N VAL A 121 -26.75 -11.54 14.38
CA VAL A 121 -26.06 -12.22 15.48
C VAL A 121 -24.90 -11.38 16.00
N THR A 122 -24.29 -10.56 15.15
CA THR A 122 -23.27 -9.60 15.57
C THR A 122 -23.79 -8.17 15.57
N ASN A 123 -25.11 -7.99 15.65
CA ASN A 123 -25.80 -6.72 15.88
C ASN A 123 -25.82 -5.80 14.67
N SER A 124 -25.63 -6.30 13.45
CA SER A 124 -25.80 -5.47 12.28
C SER A 124 -27.27 -5.09 12.11
N THR A 125 -27.55 -3.80 12.08
CA THR A 125 -28.89 -3.38 11.77
C THR A 125 -29.11 -3.40 10.25
N PRO A 126 -30.35 -3.61 9.79
CA PRO A 126 -30.62 -3.50 8.35
C PRO A 126 -30.13 -2.19 7.75
N LEU A 127 -30.05 -1.14 8.58
CA LEU A 127 -29.52 0.13 8.12
C LEU A 127 -28.02 0.05 7.85
N ARG A 128 -27.27 -0.68 8.69
CA ARG A 128 -25.84 -0.84 8.47
C ARG A 128 -25.56 -1.50 7.13
N ALA A 129 -26.34 -2.53 6.78
CA ALA A 129 -26.17 -3.19 5.49
C ALA A 129 -26.35 -2.20 4.34
N ALA A 130 -27.31 -1.28 4.48
CA ALA A 130 -27.55 -0.30 3.43
C ALA A 130 -26.47 0.77 3.38
N CYS A 131 -25.90 1.14 4.52
CA CYS A 131 -24.79 2.08 4.53
C CYS A 131 -23.54 1.43 3.94
N PHE A 132 -23.25 0.19 4.36
CA PHE A 132 -22.23 -0.62 3.71
C PHE A 132 -22.40 -0.65 2.20
N ASP A 133 -23.65 -0.77 1.73
CA ASP A 133 -23.91 -0.86 0.30
C ASP A 133 -23.97 0.50 -0.37
N GLY A 134 -24.35 1.55 0.36
CA GLY A 134 -24.31 2.90 -0.16
C GLY A 134 -25.54 3.36 -0.91
N ARG A 135 -26.52 2.48 -1.14
CA ARG A 135 -27.72 2.88 -1.85
C ARG A 135 -28.52 3.83 -0.97
N LEU A 136 -28.32 5.13 -1.19
CA LEU A 136 -29.00 6.16 -0.40
C LEU A 136 -30.52 5.97 -0.44
N ASP A 137 -31.03 5.41 -1.53
CA ASP A 137 -32.47 5.19 -1.65
C ASP A 137 -33.00 4.33 -0.52
N ILE A 138 -32.31 3.23 -0.21
CA ILE A 138 -32.72 2.38 0.90
C ILE A 138 -32.50 3.08 2.24
N VAL A 139 -31.30 3.64 2.43
CA VAL A 139 -30.95 4.30 3.68
C VAL A 139 -31.99 5.36 4.03
N LYS A 140 -32.36 6.17 3.04
CA LYS A 140 -33.39 7.19 3.28
C LYS A 140 -34.74 6.55 3.57
N TYR A 141 -35.08 5.49 2.85
CA TYR A 141 -36.35 4.80 3.07
C TYR A 141 -36.39 4.16 4.46
N LEU A 142 -35.31 3.50 4.86
CA LEU A 142 -35.28 2.83 6.16
C LEU A 142 -35.43 3.83 7.29
N VAL A 143 -34.78 4.99 7.18
CA VAL A 143 -34.86 6.01 8.24
C VAL A 143 -36.28 6.55 8.36
N GLU A 144 -36.92 6.84 7.24
CA GLU A 144 -38.28 7.36 7.27
C GLU A 144 -39.29 6.36 7.82
N ASN A 145 -38.92 5.07 7.90
CA ASN A 145 -39.73 4.06 8.57
C ASN A 145 -39.08 3.58 9.86
N ASN A 146 -38.34 4.46 10.52
CA ASN A 146 -37.98 4.38 11.94
C ASN A 146 -36.85 3.41 12.26
N ALA A 147 -36.01 3.05 11.29
CA ALA A 147 -34.77 2.36 11.62
C ALA A 147 -33.91 3.29 12.46
N ASN A 148 -33.33 2.74 13.52
CA ASN A 148 -32.58 3.56 14.48
C ASN A 148 -31.14 3.70 14.00
N ILE A 149 -30.72 4.96 13.82
CA ILE A 149 -29.34 5.25 13.43
C ILE A 149 -28.37 4.93 14.55
N SER A 150 -28.85 4.89 15.80
CA SER A 150 -27.96 4.74 16.93
C SER A 150 -27.44 3.31 17.07
N ILE A 151 -28.16 2.33 16.54
CA ILE A 151 -27.77 0.94 16.70
C ILE A 151 -26.47 0.68 15.96
N ALA A 152 -25.41 0.38 16.70
CA ALA A 152 -24.15 -0.04 16.16
C ALA A 152 -23.94 -1.52 16.46
N ASN A 153 -22.94 -2.11 15.81
CA ASN A 153 -22.74 -3.55 15.90
C ASN A 153 -22.13 -3.98 17.23
N LYS A 154 -21.61 -5.21 17.29
CA LYS A 154 -21.08 -5.75 18.53
C LYS A 154 -19.85 -4.99 19.02
N TYR A 155 -19.22 -4.18 18.16
CA TYR A 155 -18.05 -3.39 18.52
C TYR A 155 -18.29 -1.89 18.36
N ASP A 156 -19.56 -1.46 18.37
CA ASP A 156 -19.95 -0.06 18.28
C ASP A 156 -19.43 0.59 16.99
N ASN A 157 -19.79 -0.03 15.87
CA ASN A 157 -19.51 0.53 14.55
C ASN A 157 -20.77 1.20 14.04
N THR A 158 -20.81 2.53 14.14
CA THR A 158 -21.96 3.31 13.72
C THR A 158 -22.28 3.06 12.25
N CYS A 159 -23.54 3.26 11.89
CA CYS A 159 -23.89 3.34 10.48
C CYS A 159 -23.16 4.49 9.81
N LEU A 160 -22.91 5.57 10.56
CA LEU A 160 -22.13 6.68 10.02
C LEU A 160 -20.68 6.27 9.78
N MET A 161 -20.12 5.45 10.66
CA MET A 161 -18.73 5.01 10.49
C MET A 161 -18.59 4.13 9.26
N ILE A 162 -19.38 3.06 9.16
CA ILE A 162 -19.25 2.11 8.06
C ILE A 162 -19.46 2.81 6.72
N ALA A 163 -20.31 3.83 6.69
CA ALA A 163 -20.49 4.62 5.48
C ALA A 163 -19.31 5.57 5.27
N ALA A 164 -18.79 6.15 6.35
CA ALA A 164 -17.59 6.96 6.24
C ALA A 164 -16.38 6.12 5.82
N TYR A 165 -16.33 4.86 6.25
CA TYR A 165 -15.28 3.97 5.79
C TYR A 165 -15.46 3.61 4.32
N LYS A 166 -16.64 3.10 3.96
CA LYS A 166 -16.90 2.68 2.59
C LYS A 166 -16.95 3.85 1.60
N GLY A 167 -16.94 5.08 2.09
CA GLY A 167 -16.86 6.23 1.21
C GLY A 167 -18.13 6.53 0.46
N HIS A 168 -19.23 6.70 1.18
CA HIS A 168 -20.52 7.04 0.60
C HIS A 168 -20.87 8.45 1.10
N THR A 169 -20.22 9.44 0.48
CA THR A 169 -20.42 10.84 0.87
C THR A 169 -21.89 11.22 0.88
N ASP A 170 -22.65 10.72 -0.10
CA ASP A 170 -24.05 11.09 -0.21
C ASP A 170 -24.86 10.58 0.98
N VAL A 171 -24.54 9.39 1.49
CA VAL A 171 -25.28 8.88 2.64
C VAL A 171 -24.68 9.37 3.95
N VAL A 172 -23.36 9.62 3.98
CA VAL A 172 -22.74 10.20 5.17
C VAL A 172 -23.43 11.51 5.51
N ARG A 173 -23.48 12.43 4.53
CA ARG A 173 -24.26 13.66 4.66
C ARG A 173 -25.63 13.40 5.26
N TYR A 174 -26.38 12.49 4.65
CA TYR A 174 -27.75 12.22 5.07
C TYR A 174 -27.80 11.83 6.54
N LEU A 175 -26.90 10.95 6.98
CA LEU A 175 -26.90 10.51 8.37
C LEU A 175 -26.71 11.69 9.31
N LEU A 176 -25.65 12.48 9.13
CA LEU A 176 -25.46 13.63 10.01
C LEU A 176 -26.61 14.62 9.90
N GLU A 177 -27.22 14.74 8.71
CA GLU A 177 -28.43 15.54 8.59
C GLU A 177 -29.52 15.03 9.51
N GLN A 178 -29.63 13.71 9.66
CA GLN A 178 -30.52 13.09 10.64
C GLN A 178 -29.90 12.97 12.02
N ARG A 179 -29.11 13.95 12.43
N ARG A 179 -29.13 13.96 12.45
CA ARG A 179 -28.55 14.09 13.77
CA ARG A 179 -28.57 14.06 13.79
C ARG A 179 -27.59 12.97 14.14
C ARG A 179 -27.60 12.93 14.16
N ALA A 180 -27.24 12.09 13.20
CA ALA A 180 -26.34 10.97 13.49
C ALA A 180 -25.04 11.46 14.09
N ASP A 181 -24.71 10.95 15.26
CA ASP A 181 -23.67 11.57 16.08
C ASP A 181 -22.30 11.39 15.44
N PRO A 182 -21.58 12.47 15.11
CA PRO A 182 -20.25 12.31 14.53
C PRO A 182 -19.17 11.97 15.54
N ASN A 183 -19.44 12.15 16.83
CA ASN A 183 -18.49 11.80 17.89
C ASN A 183 -18.78 10.42 18.47
N ALA A 184 -19.20 9.49 17.61
CA ALA A 184 -19.27 8.10 18.03
C ALA A 184 -17.87 7.58 18.31
N LYS A 185 -17.81 6.36 18.85
CA LYS A 185 -16.54 5.75 19.21
C LYS A 185 -16.70 4.25 19.28
N ALA A 186 -15.85 3.53 18.55
CA ALA A 186 -15.91 2.08 18.49
C ALA A 186 -15.06 1.46 19.59
N HIS A 187 -15.06 0.13 19.65
CA HIS A 187 -14.21 -0.59 20.60
C HIS A 187 -12.75 -0.23 20.39
N CYS A 188 -12.31 -0.13 19.13
CA CYS A 188 -10.92 0.15 18.79
C CYS A 188 -10.64 1.64 18.94
N GLY A 189 -11.55 2.34 19.62
CA GLY A 189 -11.39 3.75 19.91
C GLY A 189 -11.58 4.68 18.73
N ALA A 190 -11.80 4.14 17.53
CA ALA A 190 -11.93 4.99 16.36
C ALA A 190 -13.27 5.71 16.35
N THR A 191 -13.27 6.93 15.83
CA THR A 191 -14.49 7.64 15.50
C THR A 191 -14.71 7.59 13.99
N ALA A 192 -15.88 8.07 13.55
CA ALA A 192 -16.17 8.09 12.12
C ALA A 192 -15.12 8.89 11.35
N LEU A 193 -14.50 9.87 12.00
CA LEU A 193 -13.47 10.67 11.36
C LEU A 193 -12.22 9.85 11.07
N HIS A 194 -11.82 8.98 12.00
CA HIS A 194 -10.64 8.15 11.77
C HIS A 194 -10.79 7.26 10.55
N PHE A 195 -11.99 6.71 10.34
CA PHE A 195 -12.21 5.86 9.17
C PHE A 195 -12.09 6.65 7.89
N ALA A 196 -12.70 7.84 7.83
CA ALA A 196 -12.65 8.64 6.62
C ALA A 196 -11.26 9.21 6.38
N ALA A 197 -10.46 9.38 7.44
CA ALA A 197 -9.12 9.92 7.27
C ALA A 197 -8.14 8.86 6.79
N GLU A 198 -8.29 7.62 7.24
CA GLU A 198 -7.46 6.53 6.75
C GLU A 198 -7.60 6.39 5.23
N ALA A 199 -8.83 6.16 4.77
CA ALA A 199 -9.12 6.30 3.35
C ALA A 199 -8.94 7.76 2.94
N GLY A 200 -8.91 7.99 1.63
CA GLY A 200 -8.68 9.34 1.13
C GLY A 200 -9.95 10.13 0.95
N HIS A 201 -10.89 9.97 1.87
CA HIS A 201 -12.28 10.37 1.66
C HIS A 201 -12.49 11.80 2.13
N ILE A 202 -11.95 12.73 1.34
CA ILE A 202 -11.91 14.14 1.72
C ILE A 202 -13.32 14.71 1.84
N ASP A 203 -14.21 14.31 0.94
CA ASP A 203 -15.57 14.86 0.95
C ASP A 203 -16.33 14.42 2.20
N ILE A 204 -16.05 13.23 2.72
CA ILE A 204 -16.66 12.82 4.00
C ILE A 204 -16.02 13.59 5.15
N VAL A 205 -14.69 13.59 5.22
CA VAL A 205 -13.98 14.36 6.26
C VAL A 205 -14.43 15.80 6.27
N LYS A 206 -14.76 16.36 5.10
CA LYS A 206 -15.31 17.70 5.03
C LYS A 206 -16.60 17.80 5.84
N GLU A 207 -17.55 16.90 5.57
CA GLU A 207 -18.83 16.93 6.29
C GLU A 207 -18.64 16.77 7.80
N LEU A 208 -17.75 15.85 8.21
CA LEU A 208 -17.55 15.62 9.63
C LEU A 208 -17.11 16.89 10.35
N ILE A 209 -16.23 17.67 9.72
CA ILE A 209 -15.81 18.93 10.33
C ILE A 209 -16.76 20.08 10.01
N LYS A 210 -17.63 19.94 9.00
CA LYS A 210 -18.80 20.81 8.93
C LYS A 210 -19.67 20.61 10.15
N TRP A 211 -19.86 19.36 10.57
CA TRP A 211 -20.73 19.00 11.68
C TRP A 211 -19.96 18.91 12.99
N ARG A 212 -18.83 19.60 13.09
CA ARG A 212 -18.07 19.77 14.32
C ARG A 212 -17.72 18.42 14.95
N ALA A 213 -17.16 17.54 14.11
CA ALA A 213 -16.64 16.28 14.62
C ALA A 213 -15.48 16.54 15.57
N ALA A 214 -15.45 15.79 16.66
CA ALA A 214 -14.40 15.96 17.66
C ALA A 214 -13.14 15.21 17.23
N ILE A 215 -12.00 15.81 17.50
CA ILE A 215 -10.71 15.15 17.27
C ILE A 215 -10.42 14.31 18.51
N VAL A 216 -10.56 12.99 18.37
CA VAL A 216 -10.28 12.08 19.46
C VAL A 216 -9.02 11.28 19.12
N VAL A 217 -8.55 10.51 20.09
CA VAL A 217 -7.40 9.63 19.94
C VAL A 217 -7.93 8.20 20.00
N ASN A 218 -7.75 7.44 18.92
CA ASN A 218 -8.24 6.08 18.94
C ASN A 218 -7.44 5.24 19.93
N GLY A 219 -7.84 3.97 20.07
CA GLY A 219 -7.13 3.08 20.97
C GLY A 219 -5.66 2.93 20.66
N HIS A 220 -5.25 3.20 19.43
CA HIS A 220 -3.88 3.06 19.00
C HIS A 220 -3.06 4.32 19.18
N GLY A 221 -3.56 5.29 19.94
CA GLY A 221 -2.84 6.53 20.16
C GLY A 221 -2.72 7.41 18.93
N MET A 222 -3.79 7.53 18.16
CA MET A 222 -3.76 8.19 16.86
C MET A 222 -4.91 9.17 16.74
N THR A 223 -4.62 10.38 16.26
CA THR A 223 -5.65 11.31 15.85
C THR A 223 -6.03 11.05 14.39
N PRO A 224 -7.20 11.52 13.94
CA PRO A 224 -7.52 11.41 12.50
C PRO A 224 -6.48 12.08 11.62
N LEU A 225 -5.82 13.14 12.12
CA LEU A 225 -4.71 13.72 11.40
C LEU A 225 -3.55 12.75 11.30
N LYS A 226 -3.17 12.12 12.42
CA LYS A 226 -2.04 11.20 12.40
C LYS A 226 -2.35 9.96 11.58
N VAL A 227 -3.57 9.42 11.70
CA VAL A 227 -3.97 8.28 10.89
C VAL A 227 -3.85 8.60 9.40
N ALA A 228 -4.29 9.79 9.00
CA ALA A 228 -4.20 10.18 7.59
C ALA A 228 -2.75 10.29 7.14
N ALA A 229 -1.91 10.95 7.95
CA ALA A 229 -0.50 11.04 7.62
C ALA A 229 0.17 9.67 7.63
N GLU A 230 -0.25 8.80 8.55
CA GLU A 230 0.26 7.43 8.58
C GLU A 230 -0.10 6.68 7.32
N SER A 231 -1.20 7.05 6.65
CA SER A 231 -1.67 6.37 5.46
C SER A 231 -1.40 7.16 4.18
N CYS A 232 -0.51 8.15 4.23
CA CYS A 232 -0.11 8.93 3.06
C CYS A 232 -1.28 9.68 2.42
N LYS A 233 -2.23 10.14 3.23
CA LYS A 233 -3.37 10.88 2.71
C LYS A 233 -3.15 12.37 2.95
N ALA A 234 -2.21 12.91 2.16
CA ALA A 234 -1.74 14.28 2.36
C ALA A 234 -2.86 15.29 2.16
N ASP A 235 -3.77 15.01 1.23
CA ASP A 235 -4.94 15.88 1.06
C ASP A 235 -5.71 16.03 2.37
N VAL A 236 -6.03 14.90 3.01
CA VAL A 236 -6.74 14.94 4.28
C VAL A 236 -5.89 15.62 5.35
N VAL A 237 -4.57 15.40 5.31
CA VAL A 237 -3.68 16.01 6.29
C VAL A 237 -3.76 17.53 6.20
N GLU A 238 -3.67 18.07 4.98
CA GLU A 238 -3.66 19.52 4.82
C GLU A 238 -5.05 20.10 5.06
N LEU A 239 -6.11 19.40 4.66
CA LEU A 239 -7.45 19.84 5.00
C LEU A 239 -7.64 19.86 6.52
N LEU A 240 -7.18 18.81 7.20
CA LEU A 240 -7.33 18.73 8.65
C LEU A 240 -6.45 19.75 9.35
N LEU A 241 -5.23 19.95 8.88
CA LEU A 241 -4.33 20.92 9.48
C LEU A 241 -4.82 22.35 9.35
N SER A 242 -5.80 22.61 8.48
CA SER A 242 -6.41 23.93 8.39
C SER A 242 -7.37 24.16 9.56
N HIS A 243 -7.05 23.58 10.71
CA HIS A 243 -7.83 23.74 11.93
C HIS A 243 -6.90 23.85 13.13
N ALA A 244 -7.24 23.18 14.24
CA ALA A 244 -6.52 23.32 15.49
C ALA A 244 -5.76 22.03 15.80
N ASP A 245 -4.44 22.15 15.94
CA ASP A 245 -3.59 21.07 16.39
C ASP A 245 -2.50 21.67 17.26
N CYS A 246 -2.02 20.87 18.23
CA CYS A 246 -1.02 21.29 19.21
C CYS A 246 0.04 22.15 18.55
N ASP A 247 0.06 23.44 18.91
CA ASP A 247 0.90 24.46 18.29
C ASP A 247 2.28 23.90 17.97
N ARG A 248 2.49 23.58 16.68
CA ARG A 248 3.73 23.05 16.13
C ARG A 248 3.86 21.54 16.38
N ARG A 249 3.80 21.13 17.65
CA ARG A 249 4.10 19.74 18.02
C ARG A 249 3.30 18.73 17.19
N SER A 250 1.96 18.79 17.29
CA SER A 250 1.14 17.86 16.54
C SER A 250 1.25 18.11 15.03
N ARG A 251 1.27 19.38 14.62
CA ARG A 251 1.45 19.73 13.22
C ARG A 251 2.71 19.10 12.65
N ILE A 252 3.85 19.36 13.31
CA ILE A 252 5.12 18.81 12.84
C ILE A 252 5.06 17.29 12.79
N GLU A 253 4.55 16.68 13.85
CA GLU A 253 4.43 15.23 13.93
C GLU A 253 3.76 14.65 12.69
N ALA A 254 2.55 15.15 12.37
CA ALA A 254 1.85 14.70 11.18
C ALA A 254 2.70 14.91 9.93
N LEU A 255 3.31 16.10 9.81
CA LEU A 255 4.14 16.40 8.65
C LEU A 255 5.32 15.45 8.56
N GLU A 256 6.03 15.25 9.67
CA GLU A 256 7.11 14.27 9.72
C GLU A 256 6.61 12.88 9.32
N LEU A 257 5.53 12.42 9.97
CA LEU A 257 5.02 11.08 9.70
C LEU A 257 4.50 10.96 8.27
N LEU A 258 3.87 12.02 7.76
CA LEU A 258 3.34 11.97 6.40
C LEU A 258 4.45 11.82 5.37
N GLY A 259 5.48 12.66 5.46
CA GLY A 259 6.59 12.55 4.52
C GLY A 259 7.33 11.24 4.62
N ALA A 260 7.55 10.76 5.85
CA ALA A 260 8.21 9.47 6.04
C ALA A 260 7.44 8.35 5.36
N SER A 261 6.11 8.36 5.48
CA SER A 261 5.30 7.32 4.89
C SER A 261 5.35 7.31 3.37
N PHE A 262 5.71 8.43 2.74
CA PHE A 262 5.75 8.49 1.29
C PHE A 262 6.84 7.57 0.72
N ALA A 263 8.00 7.52 1.39
CA ALA A 263 9.04 6.57 0.98
C ALA A 263 8.64 5.15 1.34
N ASN A 264 8.08 4.96 2.54
CA ASN A 264 7.58 3.65 2.95
C ASN A 264 6.56 3.12 1.95
N ASP A 265 5.48 3.86 1.76
CA ASP A 265 4.36 3.43 0.94
C ASP A 265 4.86 3.11 -0.47
N ARG A 266 5.08 1.83 -0.76
CA ARG A 266 5.52 1.40 -2.08
C ARG A 266 4.45 1.60 -3.14
N GLU A 267 3.23 2.00 -2.75
CA GLU A 267 2.16 2.28 -3.68
C GLU A 267 2.10 3.75 -4.09
N ASN A 268 2.70 4.64 -3.30
CA ASN A 268 2.71 6.08 -3.54
C ASN A 268 4.10 6.65 -3.33
N TYR A 269 5.11 5.91 -3.78
CA TYR A 269 6.50 6.31 -3.57
C TYR A 269 6.77 7.67 -4.20
N ASP A 270 7.27 8.60 -3.38
CA ASP A 270 7.62 9.94 -3.86
C ASP A 270 8.63 10.57 -2.92
N ILE A 271 9.91 10.27 -3.14
CA ILE A 271 10.94 10.76 -2.22
C ILE A 271 11.00 12.27 -2.25
N ILE A 272 10.63 12.88 -3.39
CA ILE A 272 10.56 14.33 -3.50
C ILE A 272 9.51 14.87 -2.54
N LYS A 273 8.38 14.17 -2.44
CA LYS A 273 7.35 14.54 -1.47
C LYS A 273 7.79 14.27 -0.05
N THR A 274 8.63 13.25 0.16
CA THR A 274 9.13 12.94 1.49
C THR A 274 10.00 14.07 2.03
N TYR A 275 11.01 14.48 1.25
CA TYR A 275 11.86 15.58 1.66
C TYR A 275 11.06 16.86 1.87
N HIS A 276 10.12 17.14 0.97
CA HIS A 276 9.30 18.34 1.07
C HIS A 276 8.62 18.44 2.43
N TYR A 277 7.98 17.36 2.86
CA TYR A 277 7.26 17.37 4.13
C TYR A 277 8.20 17.24 5.32
N LEU A 278 9.34 16.58 5.13
CA LEU A 278 10.30 16.43 6.22
C LEU A 278 11.05 17.74 6.48
N TYR A 279 11.47 18.42 5.41
CA TYR A 279 12.13 19.72 5.57
C TYR A 279 11.18 20.77 6.13
N LEU A 280 9.93 20.77 5.66
CA LEU A 280 8.96 21.72 6.20
C LEU A 280 8.79 21.57 7.70
N ALA A 281 8.91 20.34 8.22
CA ALA A 281 8.85 20.12 9.66
C ALA A 281 10.06 20.72 10.36
N MET A 282 11.27 20.44 9.86
CA MET A 282 12.47 21.03 10.44
C MET A 282 12.52 22.54 10.26
N LEU A 283 11.81 23.07 9.25
CA LEU A 283 11.70 24.51 9.08
C LEU A 283 10.68 25.11 10.04
N GLU A 284 9.62 24.36 10.37
CA GLU A 284 8.63 24.78 11.34
C GLU A 284 9.05 24.47 12.77
N ARG A 285 10.08 23.64 12.94
CA ARG A 285 10.70 23.35 14.24
C ARG A 285 11.70 24.43 14.62
N PHE A 286 12.71 24.62 13.77
CA PHE A 286 13.78 25.60 14.00
C PHE A 286 13.39 26.99 13.51
N GLN A 287 12.16 27.41 13.80
CA GLN A 287 11.65 28.69 13.34
C GLN A 287 12.26 29.85 14.11
N ILE A 292 12.37 26.98 20.18
CA ILE A 292 12.95 25.89 19.41
C ILE A 292 12.39 24.56 19.89
N LEU A 293 12.02 23.71 18.94
CA LEU A 293 11.49 22.37 19.21
C LEU A 293 12.46 21.35 18.63
N GLU A 294 13.45 20.95 19.43
CA GLU A 294 14.40 19.95 19.03
C GLU A 294 13.75 18.56 19.12
N LYS A 295 14.44 17.56 18.57
CA LYS A 295 13.89 16.22 18.45
C LYS A 295 14.76 15.21 19.19
N GLU A 296 14.11 14.23 19.81
CA GLU A 296 14.78 13.18 20.58
C GLU A 296 15.03 12.00 19.63
N VAL A 297 16.21 11.99 19.01
CA VAL A 297 16.53 10.97 18.03
C VAL A 297 16.73 9.63 18.73
N LEU A 298 16.27 8.56 18.07
CA LEU A 298 16.39 7.21 18.57
C LEU A 298 17.77 6.65 18.21
N PRO A 299 18.20 5.59 18.89
CA PRO A 299 19.57 5.12 18.69
C PRO A 299 19.74 4.56 17.28
N PRO A 300 20.95 4.66 16.73
CA PRO A 300 21.21 4.06 15.41
C PRO A 300 21.12 2.55 15.48
N ILE A 301 20.29 1.98 14.60
CA ILE A 301 19.99 0.56 14.61
C ILE A 301 20.50 -0.06 13.32
N HIS A 302 21.00 -1.29 13.41
CA HIS A 302 21.50 -2.02 12.24
C HIS A 302 20.48 -2.02 11.11
N ALA A 303 19.21 -2.25 11.44
CA ALA A 303 18.16 -2.31 10.42
C ALA A 303 18.15 -1.08 9.53
N TYR A 304 18.53 0.08 10.06
CA TYR A 304 18.54 1.34 9.32
C TYR A 304 19.96 1.81 9.02
N GLY A 305 20.84 0.86 8.69
CA GLY A 305 22.22 1.17 8.37
C GLY A 305 22.97 1.91 9.45
N ASN A 306 22.60 1.71 10.71
CA ASN A 306 23.13 2.45 11.86
C ASN A 306 23.27 3.94 11.53
N ARG A 307 22.20 4.48 10.96
CA ARG A 307 22.10 5.91 10.69
C ARG A 307 21.24 6.54 11.78
N THR A 308 21.47 7.83 12.03
CA THR A 308 20.71 8.57 13.01
C THR A 308 19.88 9.64 12.31
N GLU A 309 18.66 9.84 12.81
CA GLU A 309 17.73 10.78 12.20
C GLU A 309 18.34 12.18 12.16
N CYS A 310 18.11 12.87 11.04
CA CYS A 310 18.57 14.25 10.90
C CYS A 310 17.90 15.14 11.93
N ARG A 311 18.71 15.93 12.63
CA ARG A 311 18.23 16.76 13.73
C ARG A 311 18.32 18.25 13.46
N ASN A 312 18.83 18.65 12.29
CA ASN A 312 18.94 20.06 11.94
C ASN A 312 18.66 20.23 10.45
N PRO A 313 18.18 21.41 10.04
CA PRO A 313 17.89 21.62 8.61
C PRO A 313 19.07 21.33 7.69
N GLN A 314 20.28 21.70 8.12
CA GLN A 314 21.47 21.44 7.31
C GLN A 314 21.68 19.95 7.07
N GLU A 315 21.44 19.14 8.11
CA GLU A 315 21.57 17.69 7.97
C GLU A 315 20.66 17.14 6.88
N LEU A 316 19.37 17.49 6.94
CA LEU A 316 18.43 17.08 5.90
C LEU A 316 18.88 17.54 4.53
N GLU A 317 19.34 18.80 4.42
CA GLU A 317 19.80 19.33 3.15
C GLU A 317 20.97 18.54 2.59
N SER A 318 21.74 17.88 3.47
CA SER A 318 22.91 17.13 3.02
C SER A 318 22.53 15.82 2.34
N ILE A 319 21.45 15.17 2.79
CA ILE A 319 21.06 13.88 2.22
C ILE A 319 20.11 14.03 1.03
N ARG A 320 19.76 15.26 0.64
CA ARG A 320 18.82 15.43 -0.45
C ARG A 320 19.35 14.87 -1.76
N GLN A 321 20.66 14.93 -1.98
CA GLN A 321 21.28 14.24 -3.12
C GLN A 321 21.84 12.89 -2.67
N ASP A 322 20.96 12.09 -2.06
CA ASP A 322 21.39 10.78 -1.55
C ASP A 322 20.13 9.91 -1.49
N ARG A 323 19.84 9.24 -2.61
CA ARG A 323 18.65 8.39 -2.71
C ARG A 323 18.54 7.44 -1.51
N ASP A 324 19.63 6.75 -1.17
CA ASP A 324 19.59 5.73 -0.15
C ASP A 324 19.17 6.29 1.20
N ALA A 325 19.91 7.31 1.67
CA ALA A 325 19.63 7.88 2.98
C ALA A 325 18.23 8.48 3.09
N LEU A 326 17.61 8.83 1.96
CA LEU A 326 16.25 9.36 2.00
C LEU A 326 15.24 8.26 2.32
N HIS A 327 15.34 7.12 1.64
CA HIS A 327 14.51 5.97 2.00
C HIS A 327 14.77 5.54 3.44
N MET A 328 16.05 5.42 3.80
CA MET A 328 16.42 5.03 5.16
C MET A 328 15.84 6.00 6.19
N GLU A 329 15.97 7.31 5.93
CA GLU A 329 15.42 8.31 6.84
C GLU A 329 13.93 8.10 7.07
N GLY A 330 13.20 7.72 6.01
CA GLY A 330 11.77 7.49 6.10
C GLY A 330 11.36 6.53 7.19
N LEU A 331 11.90 5.30 7.14
CA LEU A 331 11.62 4.32 8.19
C LEU A 331 12.10 4.82 9.54
N ILE A 332 13.26 5.47 9.57
CA ILE A 332 13.79 6.03 10.82
C ILE A 332 12.79 7.00 11.43
N VAL A 333 12.16 7.84 10.60
CA VAL A 333 11.18 8.79 11.11
C VAL A 333 9.94 8.07 11.62
N ARG A 334 9.44 7.09 10.86
CA ARG A 334 8.27 6.34 11.31
C ARG A 334 8.57 5.53 12.57
N GLU A 335 9.73 4.86 12.59
CA GLU A 335 10.11 4.06 13.76
C GLU A 335 10.09 4.90 15.04
N ARG A 336 10.39 6.19 14.92
CA ARG A 336 10.30 7.07 16.08
C ARG A 336 8.86 7.50 16.36
N ILE A 337 8.17 8.03 15.33
CA ILE A 337 6.88 8.67 15.55
C ILE A 337 5.82 7.64 15.90
N LEU A 338 5.83 6.48 15.22
CA LEU A 338 4.83 5.45 15.46
C LEU A 338 5.29 4.39 16.47
N GLY A 339 6.44 3.77 16.21
CA GLY A 339 6.95 2.74 17.10
C GLY A 339 7.43 1.51 16.36
N HIS B 2 30.83 39.95 -19.20
CA HIS B 2 32.12 39.95 -19.88
C HIS B 2 32.16 38.83 -20.92
N MET B 3 32.83 37.74 -20.57
CA MET B 3 32.80 36.53 -21.37
C MET B 3 31.94 35.43 -20.76
N GLU B 4 31.52 35.59 -19.49
CA GLU B 4 30.68 34.59 -18.84
C GLU B 4 29.41 34.31 -19.64
N GLY B 5 28.82 35.35 -20.25
CA GLY B 5 27.61 35.15 -21.01
C GLY B 5 27.79 34.19 -22.17
N LEU B 6 28.96 34.22 -22.81
CA LEU B 6 29.23 33.30 -23.90
C LEU B 6 29.15 31.85 -23.43
N ALA B 7 29.61 31.58 -22.21
CA ALA B 7 29.53 30.23 -21.67
C ALA B 7 28.08 29.79 -21.45
N GLY B 8 27.19 30.72 -21.10
CA GLY B 8 25.78 30.38 -21.08
C GLY B 8 25.24 30.07 -22.46
N TYR B 9 25.78 30.73 -23.49
CA TYR B 9 25.34 30.46 -24.85
C TYR B 9 25.86 29.10 -25.33
N VAL B 10 27.07 28.71 -24.93
CA VAL B 10 27.57 27.40 -25.35
C VAL B 10 26.86 26.29 -24.58
N TYR B 11 26.39 26.57 -23.36
CA TYR B 11 25.59 25.60 -22.63
C TYR B 11 24.31 25.29 -23.37
N LYS B 12 23.56 26.33 -23.75
CA LYS B 12 22.34 26.16 -24.53
C LYS B 12 22.55 25.24 -25.73
N ALA B 13 23.46 25.62 -26.63
CA ALA B 13 23.72 24.82 -27.82
C ALA B 13 24.01 23.36 -27.49
N ALA B 14 24.81 23.13 -26.43
CA ALA B 14 25.11 21.76 -26.02
C ALA B 14 23.86 21.07 -25.49
N SER B 15 23.25 21.63 -24.43
CA SER B 15 22.06 21.04 -23.83
C SER B 15 20.97 20.80 -24.85
N GLU B 16 20.77 21.75 -25.76
CA GLU B 16 19.71 21.64 -26.76
C GLU B 16 20.12 20.73 -27.90
N GLY B 17 21.42 20.59 -28.16
CA GLY B 17 21.92 19.72 -29.20
C GLY B 17 22.22 20.39 -30.52
N LYS B 18 22.25 21.72 -30.58
CA LYS B 18 22.52 22.43 -31.83
C LYS B 18 24.04 22.49 -32.03
N VAL B 19 24.58 21.41 -32.58
CA VAL B 19 26.01 21.33 -32.86
C VAL B 19 26.44 22.47 -33.76
N LEU B 20 25.58 22.85 -34.71
CA LEU B 20 25.88 23.98 -35.58
C LEU B 20 26.12 25.25 -34.77
N THR B 21 25.25 25.51 -33.78
CA THR B 21 25.43 26.68 -32.93
C THR B 21 26.70 26.57 -32.09
N LEU B 22 26.90 25.40 -31.47
CA LEU B 22 28.08 25.18 -30.63
C LEU B 22 29.37 25.49 -31.37
N ALA B 23 29.47 25.05 -32.62
CA ALA B 23 30.67 25.33 -33.42
C ALA B 23 30.85 26.83 -33.61
N ALA B 24 29.81 27.52 -34.06
CA ALA B 24 29.92 28.97 -34.32
C ALA B 24 30.33 29.73 -33.07
N LEU B 25 29.99 29.22 -31.88
CA LEU B 25 30.34 29.91 -30.65
C LEU B 25 31.81 29.68 -30.28
N LEU B 26 32.32 28.47 -30.49
CA LEU B 26 33.63 28.09 -30.00
C LEU B 26 34.75 28.32 -31.02
N LEU B 27 34.44 28.32 -32.31
CA LEU B 27 35.47 28.50 -33.32
C LEU B 27 35.97 29.94 -33.31
N ASN B 28 37.21 30.10 -33.79
CA ASN B 28 37.92 31.39 -33.78
C ASN B 28 38.06 31.92 -32.34
N ARG B 29 38.50 31.03 -31.45
CA ARG B 29 38.69 31.37 -30.05
C ARG B 29 39.98 30.74 -29.55
N SER B 30 40.59 31.38 -28.56
CA SER B 30 41.82 30.87 -27.98
C SER B 30 41.54 29.59 -27.18
N GLU B 31 42.54 28.69 -27.17
CA GLU B 31 42.41 27.44 -26.43
C GLU B 31 42.14 27.71 -24.96
N SER B 32 42.76 28.74 -24.39
CA SER B 32 42.47 29.15 -23.02
C SER B 32 40.98 29.42 -22.83
N ASP B 33 40.40 30.22 -23.72
CA ASP B 33 38.98 30.53 -23.64
C ASP B 33 38.12 29.30 -23.92
N ILE B 34 38.55 28.46 -24.88
CA ILE B 34 37.79 27.27 -25.22
C ILE B 34 37.61 26.36 -24.02
N ARG B 35 38.58 26.37 -23.09
CA ARG B 35 38.46 25.57 -21.88
C ARG B 35 37.52 26.20 -20.87
N TYR B 36 37.59 27.53 -20.72
CA TYR B 36 36.65 28.22 -19.83
C TYR B 36 35.21 28.01 -20.27
N LEU B 37 34.98 27.97 -21.58
CA LEU B 37 33.62 27.80 -22.10
C LEU B 37 33.14 26.36 -21.93
N LEU B 38 34.01 25.38 -22.16
CA LEU B 38 33.65 23.98 -22.00
C LEU B 38 33.74 23.51 -20.55
N GLY B 39 34.15 24.37 -19.62
CA GLY B 39 34.29 23.96 -18.24
C GLY B 39 33.80 24.98 -17.23
N TYR B 40 32.65 25.59 -17.51
CA TYR B 40 31.99 26.49 -16.58
C TYR B 40 30.72 25.85 -16.08
N VAL B 41 30.57 25.76 -14.76
CA VAL B 41 29.43 25.08 -14.15
C VAL B 41 28.22 25.99 -14.19
N SER B 42 27.48 25.97 -15.30
CA SER B 42 26.21 26.67 -15.40
C SER B 42 25.13 25.82 -14.75
N GLN B 43 24.33 26.44 -13.89
CA GLN B 43 23.30 25.75 -13.12
C GLN B 43 21.93 26.12 -13.68
N GLN B 44 21.17 25.10 -14.10
CA GLN B 44 19.83 25.28 -14.62
C GLN B 44 18.96 24.10 -14.22
N GLY B 45 17.72 24.40 -13.82
CA GLY B 45 16.73 23.39 -13.50
C GLY B 45 17.19 22.35 -12.49
N GLY B 46 17.72 22.81 -11.35
CA GLY B 46 18.25 21.90 -10.35
C GLY B 46 19.33 20.97 -10.87
N GLN B 47 20.15 21.44 -11.80
CA GLN B 47 21.18 20.62 -12.42
C GLN B 47 22.40 21.50 -12.68
N ARG B 48 23.44 21.34 -11.87
CA ARG B 48 24.72 22.02 -12.09
C ARG B 48 25.57 21.13 -12.98
N SER B 49 25.88 21.61 -14.18
CA SER B 49 26.54 20.78 -15.17
C SER B 49 27.41 21.64 -16.08
N THR B 50 28.23 20.96 -16.88
CA THR B 50 29.06 21.52 -17.94
C THR B 50 28.51 21.08 -19.29
N PRO B 51 28.76 21.88 -20.35
CA PRO B 51 28.25 21.56 -21.70
C PRO B 51 28.26 20.07 -22.06
N LEU B 52 29.37 19.39 -21.75
CA LEU B 52 29.47 17.96 -22.03
C LEU B 52 28.49 17.16 -21.21
N ILE B 53 28.39 17.45 -19.91
CA ILE B 53 27.55 16.66 -19.02
C ILE B 53 26.08 16.77 -19.42
N ILE B 54 25.64 17.99 -19.76
CA ILE B 54 24.24 18.18 -20.14
C ILE B 54 23.97 17.63 -21.54
N ALA B 55 24.95 17.74 -22.44
CA ALA B 55 24.80 17.17 -23.77
C ALA B 55 24.78 15.65 -23.75
N ALA B 56 25.29 15.02 -22.68
CA ALA B 56 25.26 13.58 -22.53
C ALA B 56 24.09 13.10 -21.69
N ARG B 57 23.53 13.94 -20.83
CA ARG B 57 22.32 13.59 -20.10
C ARG B 57 21.08 13.80 -20.96
N ASN B 58 21.10 14.80 -21.84
CA ASN B 58 20.02 14.98 -22.81
C ASN B 58 20.21 14.09 -24.02
N GLY B 59 21.46 13.77 -24.37
CA GLY B 59 21.75 12.75 -25.36
C GLY B 59 21.95 13.24 -26.77
N HIS B 60 22.82 14.22 -26.96
CA HIS B 60 23.05 14.86 -28.25
C HIS B 60 24.42 14.41 -28.77
N ALA B 61 24.42 13.22 -29.36
CA ALA B 61 25.66 12.54 -29.74
C ALA B 61 26.56 13.43 -30.60
N LYS B 62 25.96 14.15 -31.55
CA LYS B 62 26.74 15.03 -32.43
C LYS B 62 27.51 16.06 -31.61
N VAL B 63 26.85 16.68 -30.63
CA VAL B 63 27.51 17.67 -29.78
C VAL B 63 28.58 16.99 -28.93
N VAL B 64 28.28 15.79 -28.44
CA VAL B 64 29.26 15.03 -27.65
C VAL B 64 30.52 14.80 -28.46
N ARG B 65 30.37 14.42 -29.73
CA ARG B 65 31.53 14.17 -30.58
C ARG B 65 32.35 15.44 -30.79
N LEU B 66 31.68 16.54 -31.19
CA LEU B 66 32.36 17.82 -31.36
C LEU B 66 33.12 18.23 -30.11
N LEU B 67 32.59 17.90 -28.93
CA LEU B 67 33.24 18.19 -27.66
C LEU B 67 34.31 17.17 -27.30
N LEU B 68 34.35 16.00 -27.95
CA LEU B 68 35.31 14.96 -27.63
C LEU B 68 36.28 14.65 -28.76
N GLU B 69 35.79 14.57 -30.00
CA GLU B 69 36.64 14.21 -31.13
C GLU B 69 37.44 15.41 -31.65
N HIS B 70 36.86 16.61 -31.60
CA HIS B 70 37.51 17.82 -32.09
C HIS B 70 38.02 18.72 -30.98
N TYR B 71 37.32 18.76 -29.84
CA TYR B 71 37.75 19.50 -28.66
C TYR B 71 38.15 18.50 -27.59
N ARG B 72 39.03 18.93 -26.69
CA ARG B 72 39.61 18.05 -25.67
C ARG B 72 38.92 18.31 -24.34
N VAL B 73 37.99 17.44 -23.98
CA VAL B 73 37.37 17.47 -22.66
C VAL B 73 37.97 16.35 -21.83
N GLN B 74 38.02 16.55 -20.52
CA GLN B 74 38.62 15.57 -19.63
C GLN B 74 37.80 14.29 -19.51
N THR B 75 36.55 14.29 -19.98
CA THR B 75 35.64 13.16 -19.79
C THR B 75 35.63 12.71 -18.33
N GLN B 76 35.63 13.69 -17.43
CA GLN B 76 35.73 13.42 -16.00
C GLN B 76 35.23 14.62 -15.20
N GLN B 77 34.70 15.63 -15.89
CA GLN B 77 34.09 16.76 -15.20
C GLN B 77 32.84 16.30 -14.45
N THR B 78 32.83 16.49 -13.14
CA THR B 78 31.71 16.08 -12.30
C THR B 78 30.63 17.15 -12.31
N GLY B 79 29.40 16.71 -12.07
CA GLY B 79 28.28 17.63 -12.03
C GLY B 79 27.16 17.09 -11.17
N THR B 80 26.39 18.02 -10.60
CA THR B 80 25.19 17.68 -9.83
C THR B 80 24.03 17.58 -10.81
N VAL B 81 23.55 16.36 -11.05
CA VAL B 81 22.50 16.11 -12.01
C VAL B 81 21.26 15.62 -11.29
N ARG B 82 20.10 15.84 -11.92
CA ARG B 82 18.81 15.45 -11.38
C ARG B 82 18.20 14.33 -12.23
N PHE B 83 17.64 13.33 -11.56
CA PHE B 83 16.96 12.22 -12.21
C PHE B 83 15.63 11.97 -11.50
N ASP B 84 14.54 12.46 -12.08
CA ASP B 84 13.19 12.18 -11.59
C ASP B 84 13.05 12.48 -10.10
N GLY B 85 13.59 13.62 -9.68
CA GLY B 85 13.55 13.98 -8.28
C GLY B 85 14.80 13.55 -7.54
N TYR B 86 15.13 12.26 -7.61
CA TYR B 86 16.42 11.78 -7.16
C TYR B 86 17.53 12.66 -7.74
N VAL B 87 18.31 13.30 -6.87
CA VAL B 87 19.40 14.16 -7.28
C VAL B 87 20.71 13.45 -6.99
N ILE B 88 21.62 13.45 -7.97
CA ILE B 88 22.90 12.78 -7.87
C ILE B 88 24.00 13.81 -8.06
N ASP B 89 24.95 13.83 -7.13
CA ASP B 89 26.10 14.74 -7.19
C ASP B 89 27.37 13.96 -7.46
N GLY B 90 28.30 14.61 -8.16
CA GLY B 90 29.57 13.99 -8.48
C GLY B 90 29.53 13.03 -9.65
N ALA B 91 28.59 13.20 -10.56
CA ALA B 91 28.44 12.31 -11.71
C ALA B 91 29.05 12.94 -12.95
N THR B 92 29.69 12.11 -13.77
CA THR B 92 30.25 12.53 -15.04
C THR B 92 29.27 12.23 -16.18
N ALA B 93 29.63 12.70 -17.37
CA ALA B 93 28.80 12.49 -18.55
C ALA B 93 28.47 11.01 -18.74
N LEU B 94 29.44 10.14 -18.45
CA LEU B 94 29.22 8.70 -18.55
C LEU B 94 28.06 8.26 -17.65
N TRP B 95 28.10 8.64 -16.37
CA TRP B 95 27.03 8.27 -15.45
C TRP B 95 25.68 8.78 -15.93
N CYS B 96 25.62 10.07 -16.30
CA CYS B 96 24.36 10.65 -16.77
C CYS B 96 23.87 9.94 -18.03
N ALA B 97 24.79 9.63 -18.94
CA ALA B 97 24.40 8.91 -20.16
C ALA B 97 23.83 7.54 -19.83
N ALA B 98 24.51 6.79 -18.96
CA ALA B 98 24.05 5.47 -18.58
C ALA B 98 22.67 5.53 -17.94
N GLY B 99 22.49 6.42 -16.97
CA GLY B 99 21.18 6.58 -16.34
C GLY B 99 20.08 6.94 -17.31
N ALA B 100 20.40 7.68 -18.36
CA ALA B 100 19.43 8.02 -19.39
C ALA B 100 19.40 7.04 -20.55
N GLY B 101 20.16 5.94 -20.47
CA GLY B 101 20.14 4.95 -21.52
C GLY B 101 20.64 5.45 -22.86
N HIS B 102 21.46 6.51 -22.87
CA HIS B 102 22.00 7.08 -24.10
C HIS B 102 23.18 6.21 -24.56
N PHE B 103 22.83 5.03 -25.10
CA PHE B 103 23.84 4.06 -25.49
C PHE B 103 24.86 4.66 -26.46
N GLU B 104 24.38 5.44 -27.43
CA GLU B 104 25.28 6.05 -28.41
C GLU B 104 26.34 6.91 -27.72
N VAL B 105 25.92 7.68 -26.71
CA VAL B 105 26.88 8.48 -25.94
C VAL B 105 27.85 7.57 -25.19
N VAL B 106 27.33 6.48 -24.62
CA VAL B 106 28.18 5.55 -23.88
C VAL B 106 29.28 5.00 -24.79
N LYS B 107 28.92 4.61 -26.01
CA LYS B 107 29.92 4.26 -27.01
C LYS B 107 30.91 5.40 -27.20
N LEU B 108 30.41 6.57 -27.59
CA LEU B 108 31.25 7.74 -27.79
C LEU B 108 32.13 8.01 -26.58
N LEU B 109 31.51 8.16 -25.42
CA LEU B 109 32.27 8.54 -24.23
C LEU B 109 33.33 7.50 -23.88
N VAL B 110 32.91 6.25 -23.66
CA VAL B 110 33.84 5.21 -23.20
C VAL B 110 34.93 4.99 -24.24
N SER B 111 34.55 4.77 -25.50
CA SER B 111 35.54 4.52 -26.54
C SER B 111 36.45 5.72 -26.78
N HIS B 112 36.00 6.93 -26.42
CA HIS B 112 36.85 8.12 -26.45
C HIS B 112 37.52 8.39 -25.12
N GLY B 113 37.61 7.38 -24.26
CA GLY B 113 38.20 7.55 -22.94
C GLY B 113 37.19 7.97 -21.88
N ALA B 114 36.95 7.09 -20.91
CA ALA B 114 36.03 7.37 -19.81
C ALA B 114 36.17 6.31 -18.73
N ASN B 115 36.48 6.74 -17.50
CA ASN B 115 36.56 5.82 -16.38
C ASN B 115 35.22 5.11 -16.20
N VAL B 116 35.11 3.90 -16.75
CA VAL B 116 33.89 3.11 -16.61
C VAL B 116 33.53 2.86 -15.15
N ASN B 117 34.49 3.00 -14.24
CA ASN B 117 34.28 2.81 -12.81
C ASN B 117 34.34 4.14 -12.07
N HIS B 118 33.75 5.18 -12.65
CA HIS B 118 33.64 6.47 -11.97
C HIS B 118 32.85 6.31 -10.69
N THR B 119 33.18 7.12 -9.68
CA THR B 119 32.51 7.10 -8.40
C THR B 119 31.87 8.45 -8.15
N THR B 120 30.54 8.46 -8.04
CA THR B 120 29.86 9.65 -7.54
C THR B 120 30.18 9.81 -6.06
N VAL B 121 29.66 10.90 -5.47
CA VAL B 121 29.85 11.12 -4.04
C VAL B 121 29.26 9.96 -3.23
N THR B 122 28.30 9.23 -3.80
CA THR B 122 27.76 8.03 -3.18
C THR B 122 28.31 6.75 -3.80
N ASN B 123 29.41 6.85 -4.55
CA ASN B 123 30.12 5.74 -5.19
C ASN B 123 29.34 5.09 -6.33
N SER B 124 28.29 5.72 -6.83
CA SER B 124 27.49 5.14 -7.90
C SER B 124 28.31 5.08 -9.18
N THR B 125 28.69 3.89 -9.58
CA THR B 125 29.38 3.72 -10.86
C THR B 125 28.38 3.67 -12.01
N PRO B 126 28.78 4.13 -13.21
CA PRO B 126 27.92 4.02 -14.40
C PRO B 126 27.14 2.73 -14.50
N LEU B 127 27.74 1.62 -14.03
CA LEU B 127 27.05 0.34 -14.02
C LEU B 127 25.79 0.41 -13.16
N ARG B 128 25.86 1.07 -12.00
CA ARG B 128 24.68 1.20 -11.14
C ARG B 128 23.58 1.99 -11.83
N ALA B 129 23.94 3.11 -12.46
CA ALA B 129 22.96 3.93 -13.14
C ALA B 129 22.25 3.17 -14.25
N ALA B 130 23.00 2.42 -15.06
CA ALA B 130 22.40 1.63 -16.13
C ALA B 130 21.58 0.47 -15.59
N CYS B 131 21.94 -0.07 -14.43
CA CYS B 131 21.11 -1.10 -13.80
C CYS B 131 19.85 -0.48 -13.21
N PHE B 132 20.02 0.58 -12.40
CA PHE B 132 18.90 1.33 -11.86
C PHE B 132 17.94 1.78 -12.96
N ASP B 133 18.48 2.10 -14.14
CA ASP B 133 17.68 2.33 -15.33
C ASP B 133 17.03 1.03 -15.79
N GLY B 134 17.81 0.15 -16.42
CA GLY B 134 17.29 -1.13 -16.84
C GLY B 134 17.76 -1.57 -18.22
N ARG B 135 18.66 -0.81 -18.83
CA ARG B 135 19.17 -1.13 -20.16
C ARG B 135 20.31 -2.12 -20.04
N LEU B 136 20.03 -3.39 -20.35
CA LEU B 136 21.07 -4.41 -20.35
C LEU B 136 22.13 -4.12 -21.40
N ASP B 137 21.70 -3.69 -22.60
CA ASP B 137 22.60 -3.37 -23.70
C ASP B 137 23.81 -2.56 -23.25
N ILE B 138 23.56 -1.53 -22.44
CA ILE B 138 24.65 -0.68 -21.97
C ILE B 138 25.51 -1.44 -20.96
N VAL B 139 24.87 -2.15 -20.03
CA VAL B 139 25.58 -2.81 -18.94
C VAL B 139 26.68 -3.71 -19.47
N LYS B 140 26.34 -4.57 -20.42
CA LYS B 140 27.33 -5.49 -21.00
C LYS B 140 28.49 -4.72 -21.63
N TYR B 141 28.18 -3.75 -22.49
CA TYR B 141 29.23 -2.94 -23.11
C TYR B 141 30.16 -2.33 -22.07
N LEU B 142 29.60 -1.85 -20.96
CA LEU B 142 30.40 -1.24 -19.90
C LEU B 142 31.35 -2.25 -19.28
N VAL B 143 30.81 -3.37 -18.79
CA VAL B 143 31.66 -4.35 -18.13
C VAL B 143 32.60 -5.01 -19.13
N GLU B 144 32.10 -5.30 -20.34
CA GLU B 144 32.98 -5.81 -21.39
C GLU B 144 34.03 -4.81 -21.80
N ASN B 145 33.89 -3.55 -21.40
CA ASN B 145 34.91 -2.52 -21.57
C ASN B 145 35.57 -2.19 -20.22
N ASN B 146 35.75 -3.23 -19.40
CA ASN B 146 36.55 -3.20 -18.17
C ASN B 146 35.87 -2.49 -17.00
N ALA B 147 34.54 -2.54 -16.94
CA ALA B 147 33.87 -2.05 -15.75
C ALA B 147 33.86 -3.12 -14.67
N ASN B 148 33.68 -2.69 -13.43
CA ASN B 148 33.69 -3.59 -12.27
C ASN B 148 32.29 -3.72 -11.71
N ILE B 149 31.74 -4.91 -11.79
CA ILE B 149 30.44 -5.20 -11.18
C ILE B 149 30.52 -5.30 -9.66
N SER B 150 31.72 -5.25 -9.09
CA SER B 150 31.93 -5.39 -7.64
C SER B 150 31.80 -4.07 -6.91
N ILE B 151 32.23 -2.97 -7.53
CA ILE B 151 32.13 -1.66 -6.88
C ILE B 151 30.68 -1.38 -6.50
N ALA B 152 30.47 -1.05 -5.24
CA ALA B 152 29.16 -0.82 -4.68
C ALA B 152 28.98 0.69 -4.42
N ASN B 153 28.11 1.05 -3.49
CA ASN B 153 27.85 2.43 -3.14
C ASN B 153 28.24 2.67 -1.68
N LYS B 154 28.06 3.93 -1.23
CA LYS B 154 28.44 4.30 0.12
C LYS B 154 27.75 3.44 1.19
N TYR B 155 26.66 2.77 0.83
CA TYR B 155 25.95 1.87 1.72
C TYR B 155 26.07 0.42 1.29
N ASP B 156 26.97 0.12 0.36
CA ASP B 156 27.22 -1.23 -0.16
C ASP B 156 25.95 -1.82 -0.79
N ASN B 157 25.58 -1.23 -1.93
CA ASN B 157 24.46 -1.70 -2.73
C ASN B 157 25.02 -2.09 -4.10
N THR B 158 25.26 -3.39 -4.28
CA THR B 158 25.77 -3.90 -5.55
C THR B 158 24.82 -3.52 -6.68
N CYS B 159 25.39 -3.37 -7.88
CA CYS B 159 24.57 -3.13 -9.07
C CYS B 159 23.49 -4.19 -9.22
N LEU B 160 23.77 -5.43 -8.79
CA LEU B 160 22.75 -6.47 -8.75
C LEU B 160 21.59 -6.08 -7.85
N MET B 161 21.89 -5.50 -6.69
CA MET B 161 20.83 -5.15 -5.74
C MET B 161 19.85 -4.15 -6.32
N ILE B 162 20.35 -3.12 -7.01
CA ILE B 162 19.44 -2.15 -7.62
C ILE B 162 18.73 -2.76 -8.82
N ALA B 163 19.37 -3.70 -9.51
CA ALA B 163 18.71 -4.41 -10.59
C ALA B 163 17.56 -5.27 -10.08
N ALA B 164 17.78 -5.96 -8.96
CA ALA B 164 16.72 -6.77 -8.35
C ALA B 164 15.55 -5.89 -7.94
N TYR B 165 15.83 -4.79 -7.21
CA TYR B 165 14.79 -3.87 -6.78
C TYR B 165 13.92 -3.41 -7.95
N LYS B 166 14.53 -2.75 -8.93
CA LYS B 166 13.80 -2.27 -10.11
C LYS B 166 13.21 -3.41 -10.94
N GLY B 167 13.63 -4.64 -10.70
CA GLY B 167 13.02 -5.78 -11.36
C GLY B 167 13.44 -5.98 -12.79
N HIS B 168 14.74 -5.92 -13.05
CA HIS B 168 15.28 -6.14 -14.39
C HIS B 168 15.87 -7.55 -14.43
N THR B 169 14.99 -8.52 -14.69
CA THR B 169 15.38 -9.92 -14.66
C THR B 169 16.59 -10.20 -15.54
N ASP B 170 16.56 -9.72 -16.78
CA ASP B 170 17.63 -10.01 -17.73
C ASP B 170 18.99 -9.58 -17.20
N VAL B 171 19.08 -8.36 -16.65
CA VAL B 171 20.37 -7.88 -16.19
C VAL B 171 20.78 -8.56 -14.90
N VAL B 172 19.80 -9.00 -14.10
CA VAL B 172 20.13 -9.78 -12.91
C VAL B 172 20.85 -11.06 -13.31
N ARG B 173 20.28 -11.80 -14.26
CA ARG B 173 20.92 -13.00 -14.77
C ARG B 173 22.30 -12.68 -15.35
N TYR B 174 22.41 -11.57 -16.07
CA TYR B 174 23.68 -11.21 -16.70
C TYR B 174 24.80 -11.04 -15.67
N LEU B 175 24.55 -10.21 -14.65
CA LEU B 175 25.57 -10.01 -13.62
C LEU B 175 25.90 -11.32 -12.93
N LEU B 176 24.89 -12.16 -12.68
CA LEU B 176 25.14 -13.48 -12.10
C LEU B 176 25.98 -14.34 -13.02
N GLU B 177 25.76 -14.23 -14.33
CA GLU B 177 26.64 -14.92 -15.29
C GLU B 177 28.08 -14.44 -15.13
N GLN B 178 28.27 -13.13 -14.93
CA GLN B 178 29.59 -12.58 -14.69
C GLN B 178 29.98 -12.72 -13.22
N ARG B 179 29.36 -13.70 -12.53
CA ARG B 179 29.75 -14.11 -11.19
C ARG B 179 29.59 -12.99 -10.16
N ALA B 180 28.62 -12.09 -10.37
CA ALA B 180 28.30 -11.09 -9.36
C ALA B 180 27.72 -11.79 -8.14
N ASP B 181 28.51 -11.86 -7.07
CA ASP B 181 28.15 -12.64 -5.89
C ASP B 181 26.81 -12.18 -5.33
N PRO B 182 25.81 -13.05 -5.24
CA PRO B 182 24.50 -12.64 -4.74
C PRO B 182 24.39 -12.60 -3.22
N ASN B 183 25.46 -12.92 -2.51
CA ASN B 183 25.45 -12.97 -1.06
C ASN B 183 26.12 -11.75 -0.43
N ALA B 184 26.49 -10.76 -1.24
CA ALA B 184 26.95 -9.50 -0.69
C ALA B 184 25.85 -8.88 0.16
N LYS B 185 26.25 -8.24 1.25
CA LYS B 185 25.31 -7.62 2.18
C LYS B 185 25.37 -6.11 2.03
N ALA B 186 24.44 -5.44 2.68
CA ALA B 186 24.36 -3.98 2.69
C ALA B 186 24.40 -3.49 4.13
N HIS B 187 24.53 -2.16 4.27
CA HIS B 187 24.55 -1.55 5.60
C HIS B 187 23.29 -1.92 6.39
N CYS B 188 22.14 -1.95 5.73
CA CYS B 188 20.93 -2.42 6.38
C CYS B 188 21.06 -3.88 6.80
N GLY B 189 21.82 -4.67 6.06
CA GLY B 189 21.91 -6.10 6.28
C GLY B 189 21.20 -6.95 5.24
N ALA B 190 20.57 -6.33 4.24
CA ALA B 190 19.82 -7.05 3.24
C ALA B 190 20.70 -7.42 2.05
N THR B 191 20.37 -8.54 1.41
CA THR B 191 20.99 -8.97 0.17
C THR B 191 19.99 -8.84 -0.96
N ALA B 192 20.48 -8.96 -2.20
CA ALA B 192 19.64 -8.80 -3.38
C ALA B 192 18.39 -9.67 -3.32
N LEU B 193 18.49 -10.83 -2.66
CA LEU B 193 17.32 -11.67 -2.45
C LEU B 193 16.23 -10.92 -1.69
N HIS B 194 16.60 -10.28 -0.58
CA HIS B 194 15.63 -9.53 0.22
C HIS B 194 14.89 -8.50 -0.62
N PHE B 195 15.61 -7.82 -1.52
CA PHE B 195 15.01 -6.76 -2.32
C PHE B 195 13.98 -7.32 -3.30
N ALA B 196 14.40 -8.26 -4.15
CA ALA B 196 13.49 -8.83 -5.14
C ALA B 196 12.31 -9.54 -4.47
N ALA B 197 12.47 -9.99 -3.23
CA ALA B 197 11.38 -10.65 -2.52
C ALA B 197 10.26 -9.67 -2.21
N GLU B 198 10.56 -8.60 -1.48
CA GLU B 198 9.54 -7.63 -1.11
C GLU B 198 8.87 -7.01 -2.32
N ALA B 199 9.61 -6.85 -3.43
CA ALA B 199 9.07 -6.26 -4.64
C ALA B 199 8.30 -7.25 -5.50
N GLY B 200 8.12 -8.49 -5.02
CA GLY B 200 7.32 -9.45 -5.78
C GLY B 200 7.90 -9.78 -7.13
N HIS B 201 9.23 -9.83 -7.21
CA HIS B 201 9.93 -10.09 -8.47
C HIS B 201 10.29 -11.57 -8.59
N ILE B 202 9.25 -12.40 -8.64
CA ILE B 202 9.40 -13.86 -8.64
C ILE B 202 10.31 -14.32 -9.77
N ASP B 203 10.33 -13.60 -10.89
CA ASP B 203 11.23 -13.95 -11.98
C ASP B 203 12.68 -13.83 -11.54
N ILE B 204 13.02 -12.76 -10.81
CA ILE B 204 14.38 -12.58 -10.32
C ILE B 204 14.69 -13.54 -9.18
N VAL B 205 13.71 -13.79 -8.30
CA VAL B 205 13.93 -14.76 -7.22
C VAL B 205 14.23 -16.13 -7.79
N LYS B 206 13.73 -16.43 -8.99
CA LYS B 206 14.06 -17.69 -9.65
C LYS B 206 15.55 -17.73 -10.01
N GLU B 207 16.01 -16.75 -10.78
CA GLU B 207 17.41 -16.68 -11.17
C GLU B 207 18.34 -16.45 -10.00
N LEU B 208 17.84 -16.13 -8.81
CA LEU B 208 18.74 -15.98 -7.68
C LEU B 208 19.02 -17.31 -7.00
N ILE B 209 17.96 -18.05 -6.64
CA ILE B 209 18.08 -19.29 -5.90
C ILE B 209 19.02 -20.27 -6.60
N LYS B 210 18.93 -20.36 -7.93
CA LYS B 210 19.73 -21.30 -8.69
C LYS B 210 21.14 -20.78 -8.92
N TRP B 211 21.62 -19.91 -8.02
CA TRP B 211 22.94 -19.31 -8.16
C TRP B 211 23.62 -19.13 -6.80
N ARG B 212 23.43 -20.09 -5.89
CA ARG B 212 23.95 -20.08 -4.52
C ARG B 212 23.34 -18.99 -3.65
N ALA B 213 22.18 -18.46 -4.02
CA ALA B 213 21.51 -17.43 -3.21
C ALA B 213 21.27 -17.93 -1.79
N ALA B 214 21.94 -17.32 -0.82
CA ALA B 214 21.87 -17.78 0.55
C ALA B 214 20.67 -17.18 1.27
N ILE B 215 20.25 -17.86 2.34
CA ILE B 215 19.11 -17.40 3.14
C ILE B 215 19.70 -16.63 4.31
N VAL B 216 19.96 -15.35 4.08
CA VAL B 216 20.61 -14.49 5.05
C VAL B 216 19.52 -13.82 5.86
N VAL B 217 19.90 -13.14 6.94
CA VAL B 217 18.97 -12.40 7.78
C VAL B 217 19.38 -10.93 7.78
N ASN B 218 18.39 -10.04 7.66
CA ASN B 218 18.67 -8.62 7.65
C ASN B 218 18.80 -8.08 9.07
N GLY B 219 19.02 -6.77 9.17
CA GLY B 219 19.05 -6.13 10.48
C GLY B 219 17.73 -6.11 11.21
N HIS B 220 16.63 -6.42 10.52
CA HIS B 220 15.31 -6.49 11.13
C HIS B 220 14.91 -7.91 11.52
N GLY B 221 15.89 -8.81 11.65
CA GLY B 221 15.60 -10.20 12.00
C GLY B 221 14.60 -10.85 11.08
N MET B 222 14.82 -10.75 9.78
CA MET B 222 13.88 -11.27 8.80
C MET B 222 14.65 -11.87 7.62
N THR B 223 14.29 -13.10 7.25
CA THR B 223 14.81 -13.73 6.06
C THR B 223 14.08 -13.15 4.83
N PRO B 224 14.61 -13.38 3.62
CA PRO B 224 13.89 -12.92 2.42
C PRO B 224 12.44 -13.32 2.39
N LEU B 225 12.11 -14.53 2.87
CA LEU B 225 10.73 -14.98 2.92
C LEU B 225 9.88 -14.06 3.78
N LYS B 226 10.33 -13.77 5.00
CA LYS B 226 9.52 -12.96 5.92
C LYS B 226 9.26 -11.58 5.36
N VAL B 227 10.22 -11.02 4.63
CA VAL B 227 10.01 -9.74 3.97
C VAL B 227 8.87 -9.84 2.95
N ALA B 228 8.93 -10.87 2.09
CA ALA B 228 7.88 -11.08 1.10
C ALA B 228 6.52 -11.29 1.77
N ALA B 229 6.50 -11.92 2.95
CA ALA B 229 5.23 -12.10 3.66
C ALA B 229 4.64 -10.77 4.08
N GLU B 230 5.43 -9.95 4.79
CA GLU B 230 5.00 -8.62 5.18
C GLU B 230 4.63 -7.75 3.98
N SER B 231 5.02 -8.14 2.77
CA SER B 231 4.80 -7.36 1.56
C SER B 231 3.73 -7.97 0.65
N CYS B 232 2.87 -8.83 1.19
CA CYS B 232 1.70 -9.37 0.46
C CYS B 232 2.07 -9.97 -0.90
N LYS B 233 3.28 -10.52 -1.02
CA LYS B 233 3.71 -11.12 -2.28
C LYS B 233 3.63 -12.64 -2.16
N ALA B 234 2.38 -13.12 -2.18
CA ALA B 234 2.09 -14.53 -1.94
C ALA B 234 2.97 -15.44 -2.78
N ASP B 235 3.07 -15.16 -4.08
CA ASP B 235 3.83 -15.98 -5.01
C ASP B 235 5.22 -16.30 -4.50
N VAL B 236 5.95 -15.28 -4.03
CA VAL B 236 7.28 -15.49 -3.50
C VAL B 236 7.23 -16.41 -2.28
N VAL B 237 6.34 -16.10 -1.34
CA VAL B 237 6.21 -16.90 -0.12
C VAL B 237 5.99 -18.36 -0.47
N GLU B 238 5.12 -18.63 -1.44
CA GLU B 238 4.88 -20.00 -1.90
C GLU B 238 6.18 -20.64 -2.40
N LEU B 239 6.87 -19.96 -3.32
CA LEU B 239 8.10 -20.50 -3.86
C LEU B 239 9.17 -20.65 -2.78
N LEU B 240 9.35 -19.61 -1.96
CA LEU B 240 10.36 -19.66 -0.90
C LEU B 240 10.07 -20.76 0.11
N LEU B 241 8.79 -21.08 0.33
CA LEU B 241 8.45 -22.21 1.19
C LEU B 241 8.93 -23.52 0.60
N SER B 242 8.89 -23.64 -0.73
CA SER B 242 9.38 -24.83 -1.43
C SER B 242 10.90 -24.70 -1.61
N HIS B 243 11.60 -24.74 -0.48
CA HIS B 243 13.06 -24.64 -0.46
C HIS B 243 13.62 -25.16 0.85
N ALA B 244 14.68 -24.54 1.34
CA ALA B 244 15.29 -24.91 2.62
C ALA B 244 14.68 -24.12 3.77
N ASP B 245 13.34 -24.07 3.80
CA ASP B 245 12.63 -23.29 4.82
C ASP B 245 12.62 -24.05 6.14
N CYS B 246 13.01 -23.37 7.21
CA CYS B 246 12.90 -23.90 8.55
C CYS B 246 11.47 -24.35 8.80
N ASP B 247 11.26 -25.67 8.80
CA ASP B 247 9.91 -26.22 8.92
C ASP B 247 9.27 -25.77 10.24
N ARG B 248 7.95 -25.82 10.26
CA ARG B 248 7.16 -25.40 11.42
C ARG B 248 7.49 -23.98 11.85
N ARG B 249 8.11 -23.83 13.03
CA ARG B 249 8.40 -22.56 13.69
C ARG B 249 8.42 -21.35 12.76
N SER B 250 9.25 -21.42 11.72
CA SER B 250 9.37 -20.31 10.77
C SER B 250 8.45 -20.48 9.56
N ARG B 251 8.15 -21.72 9.17
CA ARG B 251 7.25 -21.94 8.03
C ARG B 251 5.86 -21.42 8.33
N ILE B 252 5.36 -21.72 9.53
CA ILE B 252 4.02 -21.26 9.91
C ILE B 252 4.02 -19.75 10.13
N GLU B 253 5.13 -19.20 10.63
CA GLU B 253 5.21 -17.77 10.91
C GLU B 253 4.96 -16.96 9.65
N ALA B 254 5.45 -17.43 8.51
CA ALA B 254 5.23 -16.73 7.25
C ALA B 254 3.74 -16.70 6.92
N LEU B 255 3.08 -17.85 6.97
CA LEU B 255 1.65 -17.92 6.66
C LEU B 255 0.84 -17.11 7.66
N GLU B 256 1.26 -17.12 8.93
CA GLU B 256 0.64 -16.26 9.93
C GLU B 256 0.92 -14.79 9.63
N LEU B 257 2.07 -14.49 9.03
CA LEU B 257 2.40 -13.12 8.66
C LEU B 257 1.76 -12.72 7.34
N LEU B 258 1.87 -13.60 6.33
CA LEU B 258 1.36 -13.29 5.00
C LEU B 258 -0.13 -12.94 5.04
N GLY B 259 -0.92 -13.75 5.76
CA GLY B 259 -2.33 -13.45 5.89
C GLY B 259 -2.58 -12.13 6.59
N ALA B 260 -1.86 -11.89 7.69
CA ALA B 260 -1.99 -10.62 8.40
C ALA B 260 -1.74 -9.43 7.48
N SER B 261 -0.75 -9.55 6.59
CA SER B 261 -0.48 -8.49 5.64
C SER B 261 -1.65 -8.28 4.69
N PHE B 262 -2.38 -9.34 4.34
CA PHE B 262 -3.56 -9.21 3.50
C PHE B 262 -4.71 -8.46 4.20
N ALA B 263 -4.48 -7.94 5.40
CA ALA B 263 -5.43 -7.08 6.09
C ALA B 263 -4.89 -5.66 6.22
N ASN B 264 -3.76 -5.48 6.92
CA ASN B 264 -3.11 -4.18 7.02
C ASN B 264 -2.69 -3.70 5.65
N ASP B 265 -3.58 -2.98 4.96
CA ASP B 265 -3.26 -2.47 3.63
C ASP B 265 -4.22 -1.38 3.18
N ARG B 266 -5.52 -1.66 3.16
CA ARG B 266 -6.54 -0.77 2.61
C ARG B 266 -6.32 -0.51 1.11
N GLU B 267 -5.33 -1.16 0.50
CA GLU B 267 -5.04 -1.11 -0.93
C GLU B 267 -4.83 -2.48 -1.55
N ASN B 268 -4.36 -3.49 -0.80
CA ASN B 268 -4.27 -4.87 -1.25
C ASN B 268 -4.92 -5.81 -0.23
N TYR B 269 -5.82 -5.28 0.61
CA TYR B 269 -6.48 -6.08 1.60
C TYR B 269 -7.39 -7.10 0.93
N ASP B 270 -7.65 -8.20 1.63
CA ASP B 270 -8.51 -9.24 1.07
C ASP B 270 -9.32 -9.94 2.16
N ILE B 271 -8.75 -10.03 3.37
CA ILE B 271 -9.44 -10.56 4.55
C ILE B 271 -9.78 -12.05 4.37
N ILE B 272 -10.44 -12.39 3.27
CA ILE B 272 -10.65 -13.80 2.96
C ILE B 272 -9.31 -14.49 2.71
N LYS B 273 -8.41 -13.82 2.00
CA LYS B 273 -7.04 -14.33 1.89
C LYS B 273 -6.30 -14.29 3.22
N THR B 274 -6.83 -13.61 4.23
CA THR B 274 -6.22 -13.64 5.56
C THR B 274 -6.65 -14.87 6.34
N TYR B 275 -7.96 -15.12 6.44
CA TYR B 275 -8.45 -16.32 7.10
C TYR B 275 -7.85 -17.57 6.49
N HIS B 276 -7.80 -17.63 5.16
CA HIS B 276 -7.16 -18.75 4.46
C HIS B 276 -5.73 -18.96 4.96
N TYR B 277 -4.89 -17.93 4.83
CA TYR B 277 -3.49 -18.08 5.19
C TYR B 277 -3.29 -18.22 6.69
N LEU B 278 -4.24 -17.74 7.50
CA LEU B 278 -4.13 -17.85 8.95
C LEU B 278 -4.61 -19.21 9.44
N TYR B 279 -5.81 -19.62 9.05
CA TYR B 279 -6.36 -20.91 9.46
C TYR B 279 -5.46 -22.05 9.00
N LEU B 280 -4.96 -21.97 7.76
CA LEU B 280 -3.98 -22.93 7.26
C LEU B 280 -2.85 -23.14 8.24
N ALA B 281 -2.28 -22.05 8.76
CA ALA B 281 -1.18 -22.15 9.71
C ALA B 281 -1.63 -22.82 11.00
N MET B 282 -2.73 -22.34 11.59
CA MET B 282 -3.24 -22.92 12.83
C MET B 282 -3.37 -24.43 12.75
N LEU B 283 -3.85 -24.93 11.60
CA LEU B 283 -3.92 -26.37 11.39
C LEU B 283 -2.53 -27.00 11.51
N GLU B 284 -1.55 -26.44 10.81
CA GLU B 284 -0.20 -26.98 10.85
C GLU B 284 0.40 -26.85 12.25
N ARG B 285 0.15 -25.72 12.92
CA ARG B 285 0.62 -25.56 14.29
C ARG B 285 0.04 -26.59 15.24
N PHE B 286 -1.00 -27.32 14.82
CA PHE B 286 -1.63 -28.35 15.62
C PHE B 286 -1.73 -29.67 14.86
N GLN B 287 -0.97 -29.82 13.78
CA GLN B 287 -1.11 -30.97 12.89
C GLN B 287 -0.88 -32.28 13.63
N ASP B 288 0.14 -32.34 14.47
CA ASP B 288 0.42 -33.54 15.25
C ASP B 288 1.14 -33.16 16.53
N GLY B 289 0.93 -33.96 17.57
CA GLY B 289 1.54 -33.73 18.85
C GLY B 289 0.60 -34.02 20.00
N ILE B 292 2.84 -30.44 18.09
CA ILE B 292 1.95 -29.32 18.39
C ILE B 292 2.77 -28.09 18.77
N LEU B 293 2.66 -27.04 17.97
CA LEU B 293 3.44 -25.81 18.17
C LEU B 293 2.46 -24.69 18.53
N GLU B 294 2.30 -24.44 19.82
CA GLU B 294 1.37 -23.42 20.28
C GLU B 294 1.99 -22.03 20.10
N LYS B 295 1.23 -21.01 20.49
CA LYS B 295 1.64 -19.62 20.33
C LYS B 295 1.38 -18.86 21.62
N GLU B 296 2.33 -18.00 22.00
CA GLU B 296 2.18 -17.11 23.15
C GLU B 296 1.53 -15.83 22.67
N VAL B 297 0.26 -15.63 23.02
CA VAL B 297 -0.50 -14.48 22.56
C VAL B 297 -0.25 -13.29 23.47
N LEU B 298 -0.01 -12.13 22.87
CA LEU B 298 0.19 -10.91 23.63
C LEU B 298 -1.10 -10.51 24.33
N PRO B 299 -1.02 -9.76 25.41
CA PRO B 299 -2.21 -9.43 26.19
C PRO B 299 -3.16 -8.54 25.41
N PRO B 300 -4.44 -8.52 25.79
CA PRO B 300 -5.41 -7.68 25.08
C PRO B 300 -5.09 -6.20 25.23
N ILE B 301 -5.04 -5.50 24.11
CA ILE B 301 -4.77 -4.08 24.08
C ILE B 301 -6.00 -3.33 23.60
N HIS B 302 -6.00 -2.02 23.79
CA HIS B 302 -7.15 -1.21 23.40
C HIS B 302 -7.28 -1.11 21.89
N ALA B 303 -6.19 -0.79 21.20
CA ALA B 303 -6.21 -0.57 19.76
C ALA B 303 -6.89 -1.71 19.01
N TYR B 304 -6.86 -2.91 19.58
CA TYR B 304 -7.42 -4.10 18.97
C TYR B 304 -8.66 -4.59 19.71
N GLY B 305 -9.37 -3.66 20.35
CA GLY B 305 -10.66 -3.94 20.96
C GLY B 305 -10.64 -4.85 22.17
N ASN B 306 -9.60 -4.77 23.00
CA ASN B 306 -9.42 -5.64 24.16
C ASN B 306 -9.73 -7.09 23.80
N ARG B 307 -9.09 -7.56 22.73
CA ARG B 307 -9.29 -8.89 22.19
C ARG B 307 -7.95 -9.61 22.14
N THR B 308 -8.01 -10.93 22.21
CA THR B 308 -6.81 -11.75 22.20
C THR B 308 -6.74 -12.57 20.92
N GLU B 309 -5.51 -12.82 20.47
CA GLU B 309 -5.28 -13.58 19.26
C GLU B 309 -5.78 -15.01 19.42
N CYS B 310 -6.45 -15.51 18.39
CA CYS B 310 -6.88 -16.90 18.37
C CYS B 310 -5.66 -17.81 18.50
N ARG B 311 -5.75 -18.82 19.36
CA ARG B 311 -4.63 -19.69 19.64
C ARG B 311 -4.89 -21.15 19.30
N ASN B 312 -6.10 -21.49 18.87
CA ASN B 312 -6.43 -22.85 18.47
C ASN B 312 -7.31 -22.79 17.23
N PRO B 313 -7.34 -23.86 16.42
CA PRO B 313 -8.07 -23.79 15.15
C PRO B 313 -9.56 -23.52 15.29
N GLN B 314 -10.18 -23.93 16.40
CA GLN B 314 -11.63 -23.74 16.54
C GLN B 314 -11.98 -22.27 16.71
N GLU B 315 -11.22 -21.53 17.54
CA GLU B 315 -11.46 -20.11 17.73
C GLU B 315 -11.42 -19.35 16.41
N LEU B 316 -10.46 -19.70 15.54
CA LEU B 316 -10.36 -19.06 14.23
C LEU B 316 -11.63 -19.29 13.41
N GLU B 317 -12.19 -20.50 13.50
CA GLU B 317 -13.42 -20.80 12.76
C GLU B 317 -14.62 -20.06 13.32
N SER B 318 -14.54 -19.56 14.56
CA SER B 318 -15.67 -18.86 15.17
C SER B 318 -15.77 -17.42 14.68
N ILE B 319 -14.63 -16.76 14.47
CA ILE B 319 -14.64 -15.37 14.00
C ILE B 319 -14.81 -15.28 12.49
N ARG B 320 -15.02 -16.41 11.81
CA ARG B 320 -15.31 -16.40 10.38
C ARG B 320 -16.54 -15.56 10.08
N GLN B 321 -17.54 -15.62 10.95
CA GLN B 321 -18.76 -14.82 10.83
C GLN B 321 -18.64 -13.52 11.62
N ASP B 322 -17.52 -12.82 11.41
CA ASP B 322 -17.25 -11.59 12.14
C ASP B 322 -16.21 -10.77 11.39
N ARG B 323 -16.67 -10.02 10.39
CA ARG B 323 -15.81 -9.07 9.66
C ARG B 323 -14.86 -8.32 10.57
N ASP B 324 -15.38 -7.77 11.66
CA ASP B 324 -14.58 -6.96 12.56
C ASP B 324 -13.45 -7.77 13.18
N ALA B 325 -13.75 -8.99 13.63
CA ALA B 325 -12.75 -9.81 14.30
C ALA B 325 -11.65 -10.23 13.34
N LEU B 326 -12.00 -10.55 12.09
CA LEU B 326 -11.00 -10.93 11.11
C LEU B 326 -10.03 -9.79 10.83
N HIS B 327 -10.54 -8.55 10.84
CA HIS B 327 -9.67 -7.39 10.74
C HIS B 327 -8.78 -7.27 11.98
N MET B 328 -9.41 -7.24 13.16
CA MET B 328 -8.65 -7.13 14.41
C MET B 328 -7.63 -8.25 14.54
N GLU B 329 -7.94 -9.44 14.03
CA GLU B 329 -7.00 -10.56 14.11
C GLU B 329 -5.75 -10.28 13.30
N GLY B 330 -5.91 -9.90 12.03
CA GLY B 330 -4.76 -9.65 11.18
C GLY B 330 -3.74 -8.72 11.80
N LEU B 331 -4.23 -7.70 12.52
CA LEU B 331 -3.32 -6.78 13.17
C LEU B 331 -2.80 -7.33 14.49
N ILE B 332 -3.61 -8.08 15.24
CA ILE B 332 -3.12 -8.67 16.48
C ILE B 332 -2.08 -9.74 16.20
N VAL B 333 -2.21 -10.45 15.09
CA VAL B 333 -1.19 -11.41 14.70
C VAL B 333 0.09 -10.68 14.30
N ARG B 334 -0.07 -9.61 13.52
CA ARG B 334 1.08 -8.84 13.04
C ARG B 334 1.89 -8.27 14.20
N GLU B 335 1.21 -7.65 15.17
CA GLU B 335 1.90 -7.06 16.31
C GLU B 335 2.82 -8.06 16.99
N ARG B 336 2.37 -9.31 17.10
CA ARG B 336 3.17 -10.34 17.74
C ARG B 336 4.35 -10.75 16.86
N ILE B 337 4.14 -10.85 15.54
CA ILE B 337 5.18 -11.36 14.66
C ILE B 337 6.25 -10.30 14.39
N LEU B 338 5.83 -9.05 14.17
CA LEU B 338 6.74 -7.99 13.77
C LEU B 338 7.22 -7.13 14.95
N GLY B 339 6.40 -6.96 15.97
CA GLY B 339 6.72 -6.07 17.06
C GLY B 339 5.88 -4.80 17.01
C10 A1CL1 C . -23.77 -6.19 3.95
C12 A1CL1 C . -20.63 -7.81 5.21
C13 A1CL1 C . -20.02 -8.11 6.41
C14 A1CL1 C . -20.46 -7.56 7.59
C2 A1CL1 C . -22.01 -6.06 8.88
C3 A1CL1 C . -21.53 -6.67 7.60
C4 A1CL1 C . -22.15 -6.36 6.39
C5 A1CL1 C . -21.71 -6.92 5.20
C7 A1CL1 C . -21.77 -6.51 2.74
C8 A1CL1 C . -22.74 -5.85 1.79
C9 A1CL1 C . -23.89 -5.38 2.67
N6 A1CL1 C . -22.34 -6.57 3.97
O1 A1CL1 C . -21.39 -6.36 9.94
O11 A1CL1 C . -20.65 -6.93 2.46
O15 A1CL1 C . -22.98 -5.28 8.83
S SO4 D . -34.26 -1.65 -7.40
O1 SO4 D . -35.11 -2.84 -7.29
O2 SO4 D . -33.43 -1.77 -8.60
O3 SO4 D . -35.09 -0.46 -7.51
O4 SO4 D . -33.41 -1.55 -6.22
S SO4 E . 13.90 19.95 -5.24
O1 SO4 E . 13.94 19.20 -6.49
O2 SO4 E . 14.80 19.34 -4.26
O3 SO4 E . 14.32 21.32 -5.49
O4 SO4 E . 12.54 19.93 -4.72
S SO4 F . -38.31 -9.84 -10.38
O1 SO4 F . -37.40 -10.07 -11.49
O2 SO4 F . -38.75 -11.11 -9.83
O3 SO4 F . -37.62 -9.08 -9.34
O4 SO4 F . -39.47 -9.09 -10.85
S SO4 G . -14.50 -20.08 3.04
O1 SO4 G . -14.24 -21.48 3.39
O2 SO4 G . -13.96 -19.81 1.71
O3 SO4 G . -15.94 -19.83 3.05
O4 SO4 G . -13.86 -19.20 4.01
S SO4 H . -14.36 -4.32 3.54
O1 SO4 H . -14.47 -4.80 4.92
O2 SO4 H . -15.62 -3.68 3.15
O3 SO4 H . -13.28 -3.35 3.44
O4 SO4 H . -14.10 -5.45 2.66
#